data_2QHA
#
_entry.id   2QHA
#
_cell.length_a   45.179
_cell.length_b   58.785
_cell.length_c   63.463
_cell.angle_alpha   83.03
_cell.angle_beta   82.42
_cell.angle_gamma   77.61
#
_symmetry.space_group_name_H-M   'P 1'
#
loop_
_entity.id
_entity.type
_entity.pdbx_description
1 polymer Beta-1,4-mannanase
2 non-polymer 'ZINC ION'
3 non-polymer GLYCEROL
4 water water
#
_entity_poly.entity_id   1
_entity_poly.type   'polypeptide(L)'
_entity_poly.pdbx_seq_one_letter_code
;HTVSPVNPNAQQTTKTVMNWLAHLPNRTENRVLSGAFGGYSHDTFSMAEADRIRSATGQSPAIYGCDYARGWLETANIED
SIDVSCNSDLMSYWKNGGIPQISLHLANPAFQSGHFKTPITNDQYKKILDSSTAEGKRLNAMLSKIADGLQELENQGVPV
LFRPLHEMNGEWFWWGLTSYNQKDNERISLYKQLYKKIYHYMTDTRGLDHLIWVYSPDANRDFKTDFYPGASYVDIVGLD
AYFQDAYSINGYDQLTALNKPFAFTEVGPQTANGSFDYSLFINAIKQRYPKTIYFLAWNDEWSPAVNKGASALYHDSWTL
NKGEIWNGDSLTPIVEHHHHHH
;
_entity_poly.pdbx_strand_id   A,B
#
loop_
_chem_comp.id
_chem_comp.type
_chem_comp.name
_chem_comp.formula
GOL non-polymer GLYCEROL 'C3 H8 O3'
ZN non-polymer 'ZINC ION' 'Zn 2'
#
# COMPACT_ATOMS: atom_id res chain seq x y z
N HIS A 1 -6.36 -14.01 -6.84
CA HIS A 1 -6.42 -13.48 -8.23
C HIS A 1 -6.20 -11.98 -8.23
N THR A 2 -5.89 -11.43 -9.41
CA THR A 2 -5.74 -9.99 -9.56
C THR A 2 -6.91 -9.45 -10.38
N VAL A 3 -7.58 -8.43 -9.85
CA VAL A 3 -8.65 -7.75 -10.58
C VAL A 3 -8.05 -6.45 -11.11
N SER A 4 -8.04 -6.32 -12.44
CA SER A 4 -7.44 -5.16 -13.09
C SER A 4 -8.48 -4.11 -13.46
N PRO A 5 -8.11 -2.82 -13.38
CA PRO A 5 -8.98 -1.81 -13.98
C PRO A 5 -9.27 -2.13 -15.45
N VAL A 6 -10.44 -1.74 -15.94
CA VAL A 6 -10.77 -1.96 -17.35
C VAL A 6 -9.84 -1.20 -18.30
N ASN A 7 -9.28 -0.07 -17.84
CA ASN A 7 -8.26 0.63 -18.60
C ASN A 7 -6.93 -0.11 -18.45
N PRO A 8 -6.45 -0.74 -19.54
CA PRO A 8 -5.23 -1.56 -19.42
C PRO A 8 -4.01 -0.72 -19.09
N ASN A 9 -4.10 0.59 -19.32
CA ASN A 9 -2.99 1.50 -19.09
C ASN A 9 -3.09 2.27 -17.78
N ALA A 10 -3.98 1.81 -16.89
CA ALA A 10 -4.14 2.46 -15.58
C ALA A 10 -2.82 2.60 -14.84
N GLN A 11 -2.65 3.73 -14.15
CA GLN A 11 -1.52 3.96 -13.26
C GLN A 11 -1.44 2.85 -12.22
N GLN A 12 -0.23 2.57 -11.74
CA GLN A 12 -0.02 1.55 -10.72
C GLN A 12 -0.90 1.77 -9.48
N THR A 13 -1.00 3.00 -9.01
CA THR A 13 -1.80 3.26 -7.81
C THR A 13 -3.26 2.88 -8.04
N THR A 14 -3.78 3.23 -9.21
CA THR A 14 -5.15 2.90 -9.57
C THR A 14 -5.34 1.39 -9.71
N LYS A 15 -4.37 0.72 -10.32
CA LYS A 15 -4.39 -0.75 -10.37
C LYS A 15 -4.46 -1.35 -8.95
N THR A 16 -3.62 -0.83 -8.05
CA THR A 16 -3.57 -1.33 -6.68
C THR A 16 -4.88 -1.09 -5.94
N VAL A 17 -5.40 0.12 -6.03
CA VAL A 17 -6.67 0.45 -5.37
C VAL A 17 -7.83 -0.41 -5.89
N MET A 18 -7.92 -0.59 -7.21
CA MET A 18 -9.02 -1.37 -7.78
C MET A 18 -8.97 -2.83 -7.30
N ASN A 19 -7.79 -3.44 -7.35
CA ASN A 19 -7.62 -4.82 -6.92
C ASN A 19 -7.97 -4.96 -5.44
N TRP A 20 -7.52 -4.01 -4.64
CA TRP A 20 -7.77 -4.01 -3.20
C TRP A 20 -9.27 -3.91 -2.93
N LEU A 21 -9.95 -2.97 -3.60
CA LEU A 21 -11.40 -2.82 -3.42
C LEU A 21 -12.15 -4.11 -3.75
N ALA A 22 -11.77 -4.76 -4.85
CA ALA A 22 -12.47 -5.94 -5.30
C ALA A 22 -12.42 -7.10 -4.29
N HIS A 23 -11.37 -7.15 -3.49
CA HIS A 23 -11.17 -8.25 -2.53
C HIS A 23 -11.78 -8.00 -1.15
N LEU A 24 -12.37 -6.83 -0.93
CA LEU A 24 -12.91 -6.54 0.39
C LEU A 24 -13.93 -7.56 0.91
N PRO A 25 -14.89 -8.03 0.07
CA PRO A 25 -15.88 -8.97 0.63
C PRO A 25 -15.36 -10.32 1.09
N ASN A 26 -14.09 -10.61 0.83
CA ASN A 26 -13.47 -11.85 1.33
C ASN A 26 -13.13 -11.79 2.82
N ARG A 27 -13.13 -10.57 3.37
CA ARG A 27 -12.77 -10.33 4.77
C ARG A 27 -13.92 -10.67 5.72
N THR A 28 -13.61 -10.77 7.01
CA THR A 28 -14.63 -11.01 8.04
C THR A 28 -15.03 -9.72 8.78
N GLU A 29 -14.37 -8.62 8.43
CA GLU A 29 -14.58 -7.31 9.05
C GLU A 29 -13.86 -6.31 8.15
N ASN A 30 -14.03 -5.02 8.40
CA ASN A 30 -13.25 -4.00 7.69
C ASN A 30 -13.39 -4.18 6.17
N ARG A 31 -14.63 -4.19 5.69
CA ARG A 31 -14.91 -4.62 4.32
C ARG A 31 -15.92 -3.73 3.55
N VAL A 32 -16.35 -2.63 4.16
CA VAL A 32 -17.25 -1.68 3.50
C VAL A 32 -16.74 -0.28 3.78
N LEU A 33 -16.29 0.43 2.75
CA LEU A 33 -15.84 1.80 2.95
C LEU A 33 -17.02 2.72 3.16
N SER A 34 -16.90 3.61 4.15
CA SER A 34 -17.85 4.67 4.31
C SER A 34 -17.63 5.76 3.27
N GLY A 35 -18.67 6.54 3.02
CA GLY A 35 -18.56 7.58 1.99
C GLY A 35 -19.57 8.67 2.24
N ALA A 36 -19.19 9.89 1.83
CA ALA A 36 -20.10 11.02 1.92
C ALA A 36 -19.95 11.94 0.71
N PHE A 37 -21.07 12.46 0.23
CA PHE A 37 -21.06 13.54 -0.77
C PHE A 37 -20.65 14.85 -0.07
N GLY A 38 -19.65 15.53 -0.63
CA GLY A 38 -19.18 16.82 -0.10
C GLY A 38 -19.86 18.04 -0.70
N GLY A 39 -20.49 17.87 -1.86
CA GLY A 39 -21.18 18.99 -2.50
C GLY A 39 -20.79 19.24 -3.94
N TYR A 40 -21.44 20.24 -4.54
CA TYR A 40 -21.21 20.64 -5.93
C TYR A 40 -20.13 21.70 -5.97
N SER A 41 -19.14 21.51 -6.82
CA SER A 41 -17.97 22.39 -6.86
C SER A 41 -18.39 23.85 -7.05
N HIS A 42 -17.79 24.74 -6.25
CA HIS A 42 -18.10 26.19 -6.29
C HIS A 42 -19.59 26.46 -6.26
N ASP A 43 -20.26 25.82 -5.31
CA ASP A 43 -21.69 25.99 -5.08
C ASP A 43 -21.95 25.55 -3.65
N THR A 44 -21.81 24.26 -3.38
CA THR A 44 -21.99 23.74 -2.02
C THR A 44 -20.80 22.91 -1.54
N PHE A 45 -19.89 22.53 -2.44
CA PHE A 45 -18.77 21.70 -2.02
C PHE A 45 -17.92 22.37 -0.94
N SER A 46 -17.63 21.60 0.11
CA SER A 46 -16.72 22.01 1.17
C SER A 46 -16.36 20.79 2.00
N MET A 47 -15.58 21.01 3.06
CA MET A 47 -15.28 19.93 3.99
C MET A 47 -16.31 19.82 5.11
N ALA A 48 -17.37 20.63 5.04
CA ALA A 48 -18.37 20.68 6.12
C ALA A 48 -19.05 19.34 6.36
N GLU A 49 -19.38 18.61 5.32
CA GLU A 49 -20.01 17.30 5.50
C GLU A 49 -19.06 16.31 6.18
N ALA A 50 -17.82 16.25 5.73
CA ALA A 50 -16.83 15.39 6.41
C ALA A 50 -16.70 15.78 7.88
N ASP A 51 -16.68 17.09 8.14
CA ASP A 51 -16.57 17.60 9.51
C ASP A 51 -17.78 17.24 10.37
N ARG A 52 -18.98 17.34 9.82
CA ARG A 52 -20.21 16.92 10.53
C ARG A 52 -20.13 15.45 10.91
N ILE A 53 -19.65 14.64 9.98
CA ILE A 53 -19.51 13.21 10.21
C ILE A 53 -18.48 12.92 11.32
N ARG A 54 -17.33 13.60 11.26
CA ARG A 54 -16.30 13.42 12.28
C ARG A 54 -16.79 13.88 13.65
N SER A 55 -17.56 14.96 13.70
CA SER A 55 -18.16 15.44 14.95
C SER A 55 -19.12 14.40 15.53
N ALA A 56 -19.87 13.74 14.64
CA ALA A 56 -20.88 12.78 15.09
C ALA A 56 -20.29 11.46 15.54
N THR A 57 -19.19 11.04 14.88
CA THR A 57 -18.70 9.67 15.00
C THR A 57 -17.25 9.54 15.43
N GLY A 58 -16.51 10.65 15.41
CA GLY A 58 -15.06 10.58 15.64
C GLY A 58 -14.25 10.13 14.44
N GLN A 59 -14.94 9.80 13.34
CA GLN A 59 -14.29 9.26 12.15
C GLN A 59 -14.74 10.04 10.93
N SER A 60 -13.93 9.98 9.86
CA SER A 60 -14.26 10.65 8.60
C SER A 60 -14.60 9.62 7.55
N PRO A 61 -15.44 10.00 6.57
CA PRO A 61 -15.77 9.02 5.53
C PRO A 61 -14.54 8.58 4.74
N ALA A 62 -14.46 7.30 4.40
CA ALA A 62 -13.33 6.83 3.60
C ALA A 62 -13.33 7.46 2.20
N ILE A 63 -14.52 7.62 1.63
CA ILE A 63 -14.70 8.21 0.30
C ILE A 63 -15.36 9.58 0.43
N TYR A 64 -14.85 10.58 -0.29
CA TYR A 64 -15.47 11.91 -0.30
C TYR A 64 -15.79 12.33 -1.71
N GLY A 65 -17.02 12.76 -1.91
CA GLY A 65 -17.51 13.06 -3.26
C GLY A 65 -17.58 14.54 -3.61
N CYS A 66 -17.25 14.84 -4.86
CA CYS A 66 -17.48 16.16 -5.44
C CYS A 66 -18.20 15.96 -6.77
N ASP A 67 -19.05 16.91 -7.13
CA ASP A 67 -19.68 16.90 -8.44
C ASP A 67 -19.26 18.18 -9.16
N TYR A 68 -18.63 18.03 -10.32
CA TYR A 68 -18.11 19.17 -11.09
C TYR A 68 -19.17 20.01 -11.79
N ALA A 69 -20.36 19.45 -12.03
CA ALA A 69 -21.27 20.03 -13.01
C ALA A 69 -22.54 20.58 -12.37
N ARG A 70 -22.79 21.86 -12.61
CA ARG A 70 -23.95 22.52 -12.03
C ARG A 70 -24.97 22.74 -13.15
N GLY A 71 -25.57 21.64 -13.59
CA GLY A 71 -26.33 21.63 -14.84
C GLY A 71 -27.68 22.32 -14.79
N TRP A 72 -28.06 22.82 -13.62
CA TRP A 72 -29.28 23.60 -13.46
C TRP A 72 -29.05 25.07 -13.80
N LEU A 73 -27.79 25.49 -13.85
CA LEU A 73 -27.47 26.89 -14.11
C LEU A 73 -27.55 27.22 -15.59
N GLU A 74 -28.20 28.33 -15.91
CA GLU A 74 -28.06 28.91 -17.25
C GLU A 74 -26.80 29.77 -17.25
N THR A 75 -25.97 29.59 -18.27
CA THR A 75 -24.66 30.21 -18.32
C THR A 75 -24.40 30.74 -19.72
N ALA A 76 -23.45 31.68 -19.83
CA ALA A 76 -23.09 32.28 -21.11
C ALA A 76 -22.56 31.24 -22.09
N ASN A 77 -21.69 30.37 -21.61
CA ASN A 77 -21.22 29.21 -22.37
C ASN A 77 -21.53 27.99 -21.52
N ILE A 78 -22.00 26.92 -22.15
CA ILE A 78 -22.47 25.75 -21.42
C ILE A 78 -21.40 25.18 -20.49
N GLU A 79 -20.14 25.22 -20.92
CA GLU A 79 -19.06 24.62 -20.14
C GLU A 79 -18.74 25.42 -18.86
N ASP A 80 -19.28 26.64 -18.77
CA ASP A 80 -19.18 27.41 -17.52
C ASP A 80 -19.86 26.66 -16.37
N SER A 81 -20.76 25.74 -16.68
CA SER A 81 -21.43 24.94 -15.66
C SER A 81 -20.48 23.97 -14.97
N ILE A 82 -19.31 23.74 -15.58
CA ILE A 82 -18.28 22.86 -15.01
C ILE A 82 -17.32 23.69 -14.15
N ASP A 83 -17.11 23.26 -12.92
CA ASP A 83 -16.14 23.87 -12.02
C ASP A 83 -15.38 22.76 -11.33
N VAL A 84 -14.05 22.90 -11.28
CA VAL A 84 -13.19 21.83 -10.77
C VAL A 84 -12.39 22.25 -9.54
N SER A 85 -12.80 23.36 -8.92
CA SER A 85 -12.08 23.90 -7.76
C SER A 85 -12.06 22.96 -6.55
N CYS A 86 -12.95 21.97 -6.51
CA CYS A 86 -12.94 21.01 -5.41
C CYS A 86 -11.72 20.09 -5.44
N ASN A 87 -10.99 20.12 -6.57
CA ASN A 87 -9.82 19.25 -6.71
C ASN A 87 -8.81 19.35 -5.58
N SER A 88 -8.53 20.57 -5.10
CA SER A 88 -7.53 20.74 -4.03
C SER A 88 -7.91 19.92 -2.80
N ASP A 89 -9.18 19.95 -2.42
CA ASP A 89 -9.66 19.17 -1.27
C ASP A 89 -9.66 17.67 -1.57
N LEU A 90 -9.96 17.29 -2.81
CA LEU A 90 -9.92 15.88 -3.18
C LEU A 90 -8.49 15.32 -3.11
N MET A 91 -7.53 16.09 -3.60
CA MET A 91 -6.13 15.65 -3.55
C MET A 91 -5.65 15.53 -2.12
N SER A 92 -6.02 16.50 -1.29
CA SER A 92 -5.68 16.44 0.13
C SER A 92 -6.35 15.24 0.81
N TYR A 93 -7.57 14.92 0.38
CA TYR A 93 -8.30 13.79 0.97
C TYR A 93 -7.53 12.49 0.72
N TRP A 94 -7.02 12.33 -0.50
CA TRP A 94 -6.19 11.17 -0.85
C TRP A 94 -4.88 11.16 -0.04
N LYS A 95 -4.25 12.32 0.06
CA LYS A 95 -3.00 12.42 0.85
C LYS A 95 -3.25 12.05 2.31
N ASN A 96 -4.45 12.29 2.79
CA ASN A 96 -4.78 12.11 4.20
C ASN A 96 -5.61 10.86 4.52
N GLY A 97 -5.67 9.94 3.58
CA GLY A 97 -6.13 8.59 3.87
C GLY A 97 -7.48 8.14 3.32
N GLY A 98 -8.05 8.92 2.40
CA GLY A 98 -9.35 8.63 1.82
C GLY A 98 -9.26 8.55 0.30
N ILE A 99 -10.42 8.41 -0.34
CA ILE A 99 -10.47 8.26 -1.80
C ILE A 99 -11.51 9.21 -2.37
N PRO A 100 -11.14 9.99 -3.40
CA PRO A 100 -12.10 10.89 -4.04
C PRO A 100 -13.07 10.18 -5.00
N GLN A 101 -14.27 10.74 -5.10
CA GLN A 101 -15.30 10.28 -6.03
C GLN A 101 -15.87 11.50 -6.73
N ILE A 102 -16.03 11.40 -8.05
CA ILE A 102 -16.58 12.49 -8.85
C ILE A 102 -17.78 12.03 -9.66
N SER A 103 -18.87 12.78 -9.53
CA SER A 103 -20.04 12.62 -10.38
C SER A 103 -20.28 13.91 -11.16
N LEU A 104 -21.24 13.87 -12.08
CA LEU A 104 -21.52 15.00 -12.98
C LEU A 104 -23.02 15.25 -13.16
N HIS A 105 -23.52 16.37 -12.63
CA HIS A 105 -24.89 16.80 -12.97
C HIS A 105 -24.87 17.63 -14.26
N LEU A 106 -24.57 16.95 -15.37
CA LEU A 106 -24.26 17.62 -16.64
C LEU A 106 -25.41 18.47 -17.16
N ALA A 107 -25.08 19.70 -17.54
CA ALA A 107 -25.98 20.53 -18.32
C ALA A 107 -26.35 19.79 -19.60
N ASN A 108 -27.48 20.20 -20.18
CA ASN A 108 -28.10 19.53 -21.32
C ASN A 108 -27.71 20.19 -22.63
N PRO A 109 -26.81 19.55 -23.41
CA PRO A 109 -26.29 20.21 -24.61
C PRO A 109 -27.28 20.29 -25.78
N ALA A 110 -28.49 19.75 -25.62
CA ALA A 110 -29.57 20.04 -26.57
C ALA A 110 -30.01 21.51 -26.48
N PHE A 111 -29.66 22.15 -25.37
CA PHE A 111 -29.97 23.54 -25.11
C PHE A 111 -28.71 24.38 -25.07
N GLN A 112 -28.86 25.70 -25.17
CA GLN A 112 -27.73 26.60 -25.07
C GLN A 112 -26.95 26.39 -23.76
N SER A 113 -27.69 26.13 -22.68
CA SER A 113 -27.08 25.85 -21.37
C SER A 113 -28.14 25.30 -20.42
N GLY A 114 -27.70 24.88 -19.24
CA GLY A 114 -28.64 24.44 -18.21
C GLY A 114 -29.48 23.25 -18.61
N HIS A 115 -30.71 23.23 -18.11
CA HIS A 115 -31.74 22.28 -18.52
C HIS A 115 -31.39 20.81 -18.25
N PHE A 116 -30.63 20.56 -17.19
CA PHE A 116 -30.15 19.20 -16.90
C PHE A 116 -31.23 18.14 -16.68
N LYS A 117 -32.44 18.57 -16.30
CA LYS A 117 -33.57 17.67 -16.07
C LYS A 117 -34.75 17.98 -16.99
N THR A 118 -34.43 18.57 -18.14
CA THR A 118 -35.39 18.77 -19.21
C THR A 118 -35.20 17.63 -20.20
N PRO A 119 -36.25 16.82 -20.44
CA PRO A 119 -36.06 15.64 -21.29
C PRO A 119 -35.92 16.01 -22.75
N ILE A 120 -35.26 15.13 -23.50
CA ILE A 120 -35.01 15.37 -24.92
C ILE A 120 -35.46 14.17 -25.73
N THR A 121 -35.68 14.38 -27.02
CA THR A 121 -36.07 13.30 -27.91
C THR A 121 -34.85 12.51 -28.35
N ASN A 122 -35.09 11.31 -28.88
CA ASN A 122 -34.00 10.55 -29.49
C ASN A 122 -33.31 11.31 -30.64
N ASP A 123 -34.07 12.10 -31.39
CA ASP A 123 -33.48 12.92 -32.46
C ASP A 123 -32.46 13.91 -31.88
N GLN A 124 -32.83 14.57 -30.77
CA GLN A 124 -31.92 15.52 -30.13
C GLN A 124 -30.70 14.80 -29.53
N TYR A 125 -30.94 13.63 -28.95
CA TYR A 125 -29.86 12.84 -28.36
C TYR A 125 -28.84 12.46 -29.45
N LYS A 126 -29.35 12.13 -30.64
CA LYS A 126 -28.47 11.79 -31.76
C LYS A 126 -27.61 12.98 -32.17
N LYS A 127 -28.18 14.18 -32.14
CA LYS A 127 -27.41 15.38 -32.46
C LYS A 127 -26.28 15.58 -31.45
N ILE A 128 -26.58 15.36 -30.16
CA ILE A 128 -25.59 15.47 -29.10
C ILE A 128 -24.40 14.53 -29.33
N LEU A 129 -24.66 13.34 -29.86
CA LEU A 129 -23.62 12.35 -30.11
C LEU A 129 -22.77 12.65 -31.34
N ASP A 130 -23.26 13.58 -32.16
CA ASP A 130 -22.61 13.95 -33.42
C ASP A 130 -21.74 15.18 -33.18
N SER A 131 -20.42 14.97 -33.19
CA SER A 131 -19.46 16.02 -32.84
C SER A 131 -19.50 17.21 -33.80
N SER A 132 -20.13 17.02 -34.96
CA SER A 132 -20.21 18.09 -35.97
C SER A 132 -21.36 19.08 -35.74
N THR A 133 -22.29 18.75 -34.84
CA THR A 133 -23.44 19.63 -34.64
C THR A 133 -23.21 20.66 -33.54
N ALA A 134 -24.06 21.68 -33.48
CA ALA A 134 -24.00 22.65 -32.39
C ALA A 134 -24.12 21.94 -31.04
N GLU A 135 -25.03 20.97 -30.97
CA GLU A 135 -25.26 20.19 -29.75
C GLU A 135 -24.02 19.36 -29.38
N GLY A 136 -23.44 18.69 -30.39
CA GLY A 136 -22.25 17.87 -30.15
C GLY A 136 -21.04 18.66 -29.70
N LYS A 137 -20.87 19.85 -30.27
CA LYS A 137 -19.79 20.75 -29.86
C LYS A 137 -19.95 21.19 -28.41
N ARG A 138 -21.20 21.43 -27.99
CA ARG A 138 -21.46 21.78 -26.60
C ARG A 138 -21.09 20.63 -25.66
N LEU A 139 -21.47 19.41 -26.03
CA LEU A 139 -21.07 18.27 -25.20
C LEU A 139 -19.55 18.18 -25.10
N ASN A 140 -18.88 18.28 -26.23
CA ASN A 140 -17.42 18.14 -26.23
C ASN A 140 -16.72 19.24 -25.44
N ALA A 141 -17.27 20.45 -25.46
CA ALA A 141 -16.72 21.54 -24.65
C ALA A 141 -16.78 21.21 -23.16
N MET A 142 -17.90 20.63 -22.73
CA MET A 142 -18.03 20.18 -21.34
C MET A 142 -17.04 19.06 -21.01
N LEU A 143 -16.93 18.06 -21.90
CA LEU A 143 -16.02 16.95 -21.67
C LEU A 143 -14.57 17.41 -21.58
N SER A 144 -14.20 18.37 -22.42
CA SER A 144 -12.83 18.88 -22.42
C SER A 144 -12.52 19.56 -21.08
N LYS A 145 -13.45 20.36 -20.56
CA LYS A 145 -13.22 21.03 -19.29
C LYS A 145 -13.18 20.03 -18.12
N ILE A 146 -14.05 19.02 -18.18
CA ILE A 146 -14.02 17.96 -17.18
C ILE A 146 -12.67 17.24 -17.21
N ALA A 147 -12.21 16.89 -18.41
CA ALA A 147 -10.91 16.22 -18.56
C ALA A 147 -9.76 17.09 -18.04
N ASP A 148 -9.84 18.41 -18.27
CA ASP A 148 -8.83 19.33 -17.74
C ASP A 148 -8.75 19.19 -16.21
N GLY A 149 -9.92 19.14 -15.58
CA GLY A 149 -9.97 18.98 -14.13
C GLY A 149 -9.45 17.63 -13.69
N LEU A 150 -9.88 16.56 -14.37
CA LEU A 150 -9.41 15.22 -14.00
C LEU A 150 -7.90 15.10 -14.17
N GLN A 151 -7.35 15.77 -15.18
CA GLN A 151 -5.91 15.76 -15.45
C GLN A 151 -5.10 16.28 -14.26
N GLU A 152 -5.64 17.28 -13.56
CA GLU A 152 -4.96 17.82 -12.39
C GLU A 152 -4.74 16.74 -11.32
N LEU A 153 -5.74 15.88 -11.13
CA LEU A 153 -5.63 14.79 -10.16
C LEU A 153 -4.68 13.70 -10.68
N GLU A 154 -4.72 13.45 -11.98
CA GLU A 154 -3.85 12.44 -12.62
C GLU A 154 -2.38 12.83 -12.44
N ASN A 155 -2.08 14.13 -12.55
CA ASN A 155 -0.72 14.63 -12.37
C ASN A 155 -0.09 14.21 -11.05
N GLN A 156 -0.94 14.09 -10.03
CA GLN A 156 -0.50 13.73 -8.68
C GLN A 156 -0.73 12.25 -8.35
N GLY A 157 -1.16 11.47 -9.35
CA GLY A 157 -1.35 10.04 -9.17
C GLY A 157 -2.53 9.69 -8.28
N VAL A 158 -3.52 10.57 -8.21
CA VAL A 158 -4.68 10.40 -7.33
C VAL A 158 -5.75 9.55 -8.05
N PRO A 159 -6.08 8.36 -7.50
CA PRO A 159 -7.13 7.55 -8.12
C PRO A 159 -8.49 8.17 -7.85
N VAL A 160 -9.41 8.03 -8.81
CA VAL A 160 -10.72 8.66 -8.72
C VAL A 160 -11.80 7.64 -9.04
N LEU A 161 -12.78 7.50 -8.14
CA LEU A 161 -14.01 6.79 -8.47
C LEU A 161 -14.86 7.73 -9.32
N PHE A 162 -14.91 7.44 -10.63
CA PHE A 162 -15.55 8.33 -11.59
C PHE A 162 -16.89 7.71 -11.98
N ARG A 163 -17.96 8.45 -11.69
CA ARG A 163 -19.32 7.91 -11.80
C ARG A 163 -20.17 8.82 -12.70
N PRO A 164 -19.99 8.69 -14.03
CA PRO A 164 -20.68 9.54 -14.99
C PRO A 164 -22.06 8.98 -15.37
N LEU A 165 -22.96 9.86 -15.81
CA LEU A 165 -24.21 9.43 -16.44
C LEU A 165 -25.00 8.45 -15.58
N HIS A 166 -25.17 8.83 -14.31
CA HIS A 166 -25.84 7.97 -13.35
C HIS A 166 -27.36 8.03 -13.44
N GLU A 167 -28.02 7.05 -12.84
CA GLU A 167 -29.50 7.01 -12.77
C GLU A 167 -30.11 7.13 -14.16
N MET A 168 -29.47 6.44 -15.10
CA MET A 168 -29.87 6.49 -16.49
C MET A 168 -31.18 5.76 -16.77
N ASN A 169 -31.58 4.85 -15.87
CA ASN A 169 -32.90 4.23 -15.94
C ASN A 169 -33.99 5.10 -15.31
N GLY A 170 -33.59 6.22 -14.71
CA GLY A 170 -34.56 7.22 -14.27
C GLY A 170 -34.98 8.15 -15.39
N GLU A 171 -36.08 8.86 -15.15
CA GLU A 171 -36.69 9.72 -16.17
C GLU A 171 -36.44 11.22 -15.92
N TRP A 172 -35.53 11.53 -15.00
CA TRP A 172 -35.29 12.93 -14.62
C TRP A 172 -34.08 13.57 -15.30
N PHE A 173 -32.93 12.89 -15.34
CA PHE A 173 -31.77 13.47 -16.03
C PHE A 173 -31.92 13.34 -17.55
N TRP A 174 -31.38 14.33 -18.28
CA TRP A 174 -31.59 14.36 -19.74
C TRP A 174 -31.05 13.15 -20.47
N TRP A 175 -30.05 12.49 -19.87
CA TRP A 175 -29.40 11.35 -20.54
C TRP A 175 -30.11 10.01 -20.33
N GLY A 176 -31.15 10.01 -19.49
CA GLY A 176 -31.85 8.78 -19.12
C GLY A 176 -33.10 8.55 -19.95
N LEU A 177 -34.04 7.80 -19.38
CA LEU A 177 -35.33 7.55 -20.03
C LEU A 177 -36.20 8.80 -20.08
N THR A 178 -37.16 8.82 -20.99
CA THR A 178 -38.02 9.98 -21.14
C THR A 178 -39.37 9.82 -20.44
N SER A 179 -39.78 8.57 -20.17
CA SER A 179 -41.00 8.31 -19.41
C SER A 179 -40.73 7.23 -18.36
N TYR A 180 -41.41 7.38 -17.23
CA TYR A 180 -41.33 6.48 -16.08
C TYR A 180 -41.43 5.00 -16.46
N ASN A 181 -40.34 4.26 -16.20
CA ASN A 181 -40.29 2.80 -16.41
C ASN A 181 -40.73 2.35 -17.82
N GLN A 182 -40.57 3.24 -18.80
CA GLN A 182 -40.98 2.96 -20.18
C GLN A 182 -39.75 2.55 -20.98
N LYS A 183 -39.70 1.29 -21.40
CA LYS A 183 -38.57 0.83 -22.20
C LYS A 183 -38.54 1.53 -23.54
N ASP A 184 -37.36 1.95 -23.95
CA ASP A 184 -37.17 2.59 -25.25
C ASP A 184 -35.84 2.09 -25.77
N ASN A 185 -35.88 1.06 -26.61
CA ASN A 185 -34.67 0.36 -27.05
C ASN A 185 -33.66 1.32 -27.69
N GLU A 186 -34.17 2.31 -28.43
CA GLU A 186 -33.29 3.29 -29.05
C GLU A 186 -32.59 4.16 -27.98
N ARG A 187 -33.34 4.60 -26.97
CA ARG A 187 -32.73 5.36 -25.88
C ARG A 187 -31.64 4.55 -25.19
N ILE A 188 -31.90 3.27 -24.95
CA ILE A 188 -30.89 2.39 -24.34
C ILE A 188 -29.62 2.34 -25.20
N SER A 189 -29.77 2.14 -26.51
CA SER A 189 -28.63 2.13 -27.42
C SER A 189 -27.88 3.45 -27.40
N LEU A 190 -28.61 4.56 -27.44
CA LEU A 190 -28.01 5.88 -27.45
C LEU A 190 -27.26 6.17 -26.14
N TYR A 191 -27.81 5.73 -25.02
CA TYR A 191 -27.11 5.86 -23.74
C TYR A 191 -25.76 5.15 -23.77
N LYS A 192 -25.75 3.92 -24.30
CA LYS A 192 -24.51 3.15 -24.35
C LYS A 192 -23.48 3.86 -25.25
N GLN A 193 -23.97 4.45 -26.34
CA GLN A 193 -23.10 5.26 -27.20
C GLN A 193 -22.51 6.45 -26.44
N LEU A 194 -23.35 7.13 -25.66
CA LEU A 194 -22.89 8.28 -24.89
C LEU A 194 -21.86 7.88 -23.83
N TYR A 195 -22.13 6.79 -23.11
CA TYR A 195 -21.19 6.32 -22.11
C TYR A 195 -19.84 5.97 -22.77
N LYS A 196 -19.89 5.25 -23.89
CA LYS A 196 -18.66 4.87 -24.57
C LYS A 196 -17.92 6.08 -25.15
N LYS A 197 -18.68 7.11 -25.57
CA LYS A 197 -18.09 8.36 -26.07
C LYS A 197 -17.29 9.04 -24.95
N ILE A 198 -17.88 9.09 -23.76
CA ILE A 198 -17.17 9.66 -22.61
C ILE A 198 -15.99 8.78 -22.21
N TYR A 199 -16.20 7.47 -22.17
CA TYR A 199 -15.11 6.55 -21.86
C TYR A 199 -13.92 6.75 -22.81
N HIS A 200 -14.21 6.79 -24.10
CA HIS A 200 -13.18 6.92 -25.12
C HIS A 200 -12.47 8.27 -25.01
N TYR A 201 -13.26 9.33 -24.78
CA TYR A 201 -12.66 10.65 -24.68
C TYR A 201 -11.70 10.75 -23.49
N MET A 202 -12.13 10.27 -22.34
CA MET A 202 -11.32 10.38 -21.12
C MET A 202 -10.13 9.42 -21.16
N THR A 203 -10.39 8.16 -21.52
CA THR A 203 -9.36 7.14 -21.44
C THR A 203 -8.35 7.22 -22.56
N ASP A 204 -8.83 7.43 -23.79
CA ASP A 204 -7.97 7.35 -24.96
C ASP A 204 -7.52 8.72 -25.42
N THR A 205 -8.47 9.57 -25.78
CA THR A 205 -8.14 10.89 -26.31
C THR A 205 -7.34 11.71 -25.32
N ARG A 206 -7.70 11.63 -24.03
CA ARG A 206 -7.03 12.44 -23.00
C ARG A 206 -6.09 11.63 -22.13
N GLY A 207 -6.02 10.33 -22.36
CA GLY A 207 -5.07 9.47 -21.65
C GLY A 207 -5.19 9.48 -20.15
N LEU A 208 -6.43 9.62 -19.65
CA LEU A 208 -6.64 9.67 -18.20
C LEU A 208 -6.63 8.26 -17.63
N ASP A 209 -5.56 7.96 -16.89
CA ASP A 209 -5.26 6.60 -16.46
C ASP A 209 -5.39 6.38 -14.96
N HIS A 210 -6.12 7.29 -14.31
CA HIS A 210 -6.33 7.25 -12.86
C HIS A 210 -7.80 7.06 -12.48
N LEU A 211 -8.62 6.63 -13.45
CA LEU A 211 -10.06 6.53 -13.26
C LEU A 211 -10.54 5.10 -13.08
N ILE A 212 -11.41 4.94 -12.09
CA ILE A 212 -12.13 3.71 -11.84
C ILE A 212 -13.59 4.03 -12.17
N TRP A 213 -14.14 3.30 -13.14
CA TRP A 213 -15.41 3.64 -13.76
C TRP A 213 -16.59 2.96 -13.08
N VAL A 214 -17.57 3.78 -12.68
CA VAL A 214 -18.69 3.32 -11.86
C VAL A 214 -20.03 3.51 -12.59
N TYR A 215 -20.77 2.40 -12.72
CA TYR A 215 -22.08 2.35 -13.38
C TYR A 215 -23.16 2.28 -12.32
N SER A 216 -24.03 3.31 -12.28
CA SER A 216 -24.96 3.48 -11.15
C SER A 216 -26.42 3.77 -11.52
N PRO A 217 -27.19 2.72 -11.85
CA PRO A 217 -28.63 2.91 -12.03
C PRO A 217 -29.32 3.27 -10.72
N ASP A 218 -30.54 3.78 -10.86
CA ASP A 218 -31.40 4.08 -9.73
C ASP A 218 -32.09 2.81 -9.23
N ALA A 219 -32.15 2.66 -7.91
CA ALA A 219 -32.77 1.47 -7.30
C ALA A 219 -34.29 1.41 -7.45
N ASN A 220 -34.92 2.54 -7.75
CA ASN A 220 -36.39 2.62 -7.75
C ASN A 220 -37.00 2.64 -9.15
N ARG A 221 -36.22 2.21 -10.13
CA ARG A 221 -36.71 2.10 -11.51
C ARG A 221 -36.26 0.81 -12.14
N ASP A 222 -36.98 0.39 -13.17
CA ASP A 222 -36.66 -0.83 -13.92
C ASP A 222 -35.41 -0.65 -14.79
N PHE A 223 -35.05 -1.69 -15.53
CA PHE A 223 -33.98 -1.62 -16.54
C PHE A 223 -32.60 -1.36 -15.94
N LYS A 224 -32.36 -1.89 -14.75
CA LYS A 224 -31.09 -1.66 -14.07
C LYS A 224 -29.85 -2.18 -14.81
N THR A 225 -30.01 -3.27 -15.55
CA THR A 225 -28.89 -3.84 -16.31
C THR A 225 -28.97 -3.58 -17.81
N ASP A 226 -30.12 -3.12 -18.32
CA ASP A 226 -30.29 -2.95 -19.76
C ASP A 226 -29.34 -1.90 -20.32
N PHE A 227 -29.01 -0.91 -19.50
CA PHE A 227 -28.15 0.21 -19.91
C PHE A 227 -26.65 -0.08 -19.78
N TYR A 228 -26.31 -1.28 -19.30
CA TYR A 228 -24.90 -1.60 -19.02
C TYR A 228 -24.10 -1.55 -20.31
N PRO A 229 -23.10 -0.66 -20.38
CA PRO A 229 -22.36 -0.52 -21.64
C PRO A 229 -21.43 -1.68 -21.96
N GLY A 230 -21.14 -2.51 -20.96
CA GLY A 230 -20.30 -3.69 -21.16
C GLY A 230 -19.16 -3.81 -20.17
N ALA A 231 -18.72 -5.04 -19.96
CA ALA A 231 -17.66 -5.35 -19.00
C ALA A 231 -16.34 -4.62 -19.26
N SER A 232 -16.07 -4.23 -20.50
CA SER A 232 -14.80 -3.59 -20.79
C SER A 232 -14.79 -2.10 -20.50
N TYR A 233 -15.93 -1.55 -20.04
CA TYR A 233 -16.03 -0.11 -19.80
C TYR A 233 -16.46 0.28 -18.39
N VAL A 234 -16.60 -0.73 -17.52
CA VAL A 234 -17.11 -0.53 -16.15
C VAL A 234 -16.25 -1.32 -15.17
N ASP A 235 -15.81 -0.64 -14.11
CA ASP A 235 -15.06 -1.29 -13.04
C ASP A 235 -15.92 -1.73 -11.87
N ILE A 236 -16.88 -0.88 -11.49
CA ILE A 236 -17.74 -1.08 -10.33
C ILE A 236 -19.18 -0.81 -10.75
N VAL A 237 -20.09 -1.68 -10.30
CA VAL A 237 -21.52 -1.45 -10.49
C VAL A 237 -22.14 -1.09 -9.15
N GLY A 238 -23.24 -0.35 -9.18
CA GLY A 238 -23.89 0.00 -7.93
C GLY A 238 -25.27 0.57 -8.06
N LEU A 239 -25.93 0.72 -6.91
CA LEU A 239 -27.26 1.30 -6.85
C LEU A 239 -27.25 2.67 -6.18
N ASP A 240 -27.92 3.63 -6.79
CA ASP A 240 -28.30 4.86 -6.10
C ASP A 240 -29.64 4.58 -5.45
N ALA A 241 -29.65 4.51 -4.12
CA ALA A 241 -30.79 4.01 -3.37
C ALA A 241 -31.28 5.01 -2.33
N TYR A 242 -32.44 5.59 -2.61
CA TYR A 242 -33.16 6.44 -1.67
C TYR A 242 -34.43 5.70 -1.28
N PHE A 243 -34.58 5.42 0.01
CA PHE A 243 -35.55 4.45 0.50
C PHE A 243 -35.94 4.76 1.96
N GLN A 244 -36.93 4.04 2.47
CA GLN A 244 -37.24 4.05 3.89
C GLN A 244 -36.84 2.70 4.48
N ASP A 245 -37.10 1.63 3.72
CA ASP A 245 -36.80 0.27 4.16
C ASP A 245 -35.52 -0.23 3.48
N ALA A 246 -34.44 -0.22 4.25
CA ALA A 246 -33.11 -0.67 3.77
C ALA A 246 -33.10 -2.12 3.30
N TYR A 247 -34.04 -2.92 3.80
CA TYR A 247 -34.02 -4.36 3.53
C TYR A 247 -34.75 -4.72 2.24
N SER A 248 -35.39 -3.74 1.63
CA SER A 248 -36.25 -4.01 0.47
C SER A 248 -35.78 -3.33 -0.81
N ILE A 249 -34.50 -2.97 -0.85
CA ILE A 249 -33.93 -2.35 -2.04
C ILE A 249 -33.81 -3.38 -3.16
N ASN A 250 -34.25 -3.03 -4.36
CA ASN A 250 -34.14 -3.92 -5.52
C ASN A 250 -32.85 -3.68 -6.31
N GLY A 251 -32.35 -4.75 -6.92
CA GLY A 251 -31.30 -4.63 -7.92
C GLY A 251 -29.96 -5.25 -7.57
N TYR A 252 -29.79 -5.67 -6.32
CA TYR A 252 -28.53 -6.24 -5.87
C TYR A 252 -28.18 -7.53 -6.62
N ASP A 253 -29.15 -8.43 -6.74
CA ASP A 253 -28.90 -9.69 -7.44
C ASP A 253 -28.57 -9.46 -8.91
N GLN A 254 -29.33 -8.57 -9.55
CA GLN A 254 -29.12 -8.27 -10.97
C GLN A 254 -27.73 -7.70 -11.22
N LEU A 255 -27.29 -6.78 -10.35
CA LEU A 255 -26.00 -6.13 -10.59
C LEU A 255 -24.82 -7.00 -10.20
N THR A 256 -24.93 -7.74 -9.09
CA THR A 256 -23.83 -8.63 -8.71
C THR A 256 -23.63 -9.74 -9.74
N ALA A 257 -24.71 -10.10 -10.44
CA ALA A 257 -24.61 -11.11 -11.52
C ALA A 257 -23.74 -10.65 -12.70
N LEU A 258 -23.44 -9.35 -12.74
CA LEU A 258 -22.54 -8.81 -13.76
C LEU A 258 -21.08 -9.08 -13.43
N ASN A 259 -20.83 -9.69 -12.27
CA ASN A 259 -19.47 -10.09 -11.88
C ASN A 259 -18.49 -8.91 -11.85
N LYS A 260 -18.97 -7.81 -11.27
CA LYS A 260 -18.17 -6.63 -10.98
C LYS A 260 -18.41 -6.31 -9.51
N PRO A 261 -17.41 -5.73 -8.83
CA PRO A 261 -17.65 -5.28 -7.45
C PRO A 261 -18.86 -4.36 -7.39
N PHE A 262 -19.61 -4.48 -6.28
CA PHE A 262 -20.88 -3.81 -6.08
C PHE A 262 -20.79 -2.79 -4.95
N ALA A 263 -21.41 -1.64 -5.15
CA ALA A 263 -21.46 -0.60 -4.10
C ALA A 263 -22.82 0.09 -4.03
N PHE A 264 -23.12 0.68 -2.88
CA PHE A 264 -24.23 1.60 -2.78
C PHE A 264 -23.69 2.98 -3.12
N THR A 265 -23.82 3.32 -4.39
CA THR A 265 -23.14 4.47 -4.96
C THR A 265 -23.76 5.81 -4.56
N GLU A 266 -25.02 5.78 -4.15
CA GLU A 266 -25.65 6.86 -3.38
C GLU A 266 -26.63 6.21 -2.43
N VAL A 267 -26.78 6.80 -1.24
CA VAL A 267 -27.77 6.30 -0.29
C VAL A 267 -28.36 7.46 0.51
N GLY A 268 -29.65 7.33 0.82
CA GLY A 268 -30.29 8.27 1.74
C GLY A 268 -31.75 7.93 1.99
N PRO A 269 -32.34 8.54 3.03
CA PRO A 269 -33.79 8.46 3.27
C PRO A 269 -34.61 9.06 2.14
N GLN A 270 -35.73 8.43 1.83
CA GLN A 270 -36.64 8.98 0.81
C GLN A 270 -37.44 10.16 1.36
N THR A 271 -37.85 10.05 2.62
CA THR A 271 -38.68 11.08 3.26
C THR A 271 -37.95 11.81 4.38
N ALA A 272 -38.30 13.09 4.55
CA ALA A 272 -37.71 14.04 5.53
C ALA A 272 -36.83 13.45 6.62
N ASN A 273 -35.68 14.09 6.84
CA ASN A 273 -34.70 13.67 7.86
C ASN A 273 -35.21 13.59 9.30
N GLY A 274 -34.37 13.04 10.18
CA GLY A 274 -34.68 12.96 11.60
C GLY A 274 -34.85 11.55 12.11
N SER A 275 -35.71 10.76 11.44
CA SER A 275 -36.18 9.47 11.95
C SER A 275 -35.51 8.21 11.35
N PHE A 276 -35.15 8.30 10.07
CA PHE A 276 -34.39 7.26 9.34
C PHE A 276 -33.21 6.78 10.18
N ASP A 277 -32.99 5.48 10.22
CA ASP A 277 -31.96 4.90 11.08
C ASP A 277 -30.88 4.19 10.25
N TYR A 278 -29.71 4.80 10.17
CA TYR A 278 -28.60 4.19 9.43
C TYR A 278 -28.08 2.88 10.02
N SER A 279 -28.42 2.58 11.27
CA SER A 279 -28.07 1.28 11.85
C SER A 279 -28.70 0.14 11.06
N LEU A 280 -29.91 0.39 10.55
CA LEU A 280 -30.63 -0.61 9.77
C LEU A 280 -30.00 -0.79 8.39
N PHE A 281 -29.42 0.29 7.87
CA PHE A 281 -28.73 0.20 6.58
C PHE A 281 -27.47 -0.69 6.65
N ILE A 282 -26.61 -0.48 7.65
CA ILE A 282 -25.44 -1.34 7.76
C ILE A 282 -25.82 -2.79 8.07
N ASN A 283 -26.86 -3.00 8.88
CA ASN A 283 -27.32 -4.34 9.14
C ASN A 283 -27.88 -5.01 7.89
N ALA A 284 -28.59 -4.22 7.08
CA ALA A 284 -29.13 -4.73 5.82
C ALA A 284 -28.01 -5.12 4.84
N ILE A 285 -26.93 -4.34 4.84
CA ILE A 285 -25.77 -4.71 4.04
C ILE A 285 -25.27 -6.10 4.45
N LYS A 286 -25.11 -6.31 5.76
CA LYS A 286 -24.56 -7.57 6.27
C LYS A 286 -25.47 -8.75 5.95
N GLN A 287 -26.78 -8.51 6.01
CA GLN A 287 -27.78 -9.58 5.86
C GLN A 287 -28.27 -9.79 4.43
N ARG A 288 -28.34 -8.71 3.65
CA ARG A 288 -28.95 -8.74 2.31
C ARG A 288 -27.97 -8.41 1.19
N TYR A 289 -26.97 -7.56 1.47
CA TYR A 289 -26.10 -7.04 0.42
C TYR A 289 -24.60 -7.20 0.76
N PRO A 290 -24.16 -8.42 1.13
CA PRO A 290 -22.81 -8.54 1.70
C PRO A 290 -21.66 -8.20 0.74
N LYS A 291 -21.89 -8.26 -0.56
CA LYS A 291 -20.83 -7.93 -1.52
C LYS A 291 -20.55 -6.43 -1.63
N THR A 292 -21.37 -5.62 -0.97
CA THR A 292 -21.17 -4.17 -0.95
C THR A 292 -19.75 -3.82 -0.50
N ILE A 293 -19.04 -3.05 -1.32
CA ILE A 293 -17.68 -2.62 -0.99
C ILE A 293 -17.60 -1.21 -0.45
N TYR A 294 -18.62 -0.40 -0.74
CA TYR A 294 -18.70 0.94 -0.15
C TYR A 294 -20.13 1.48 -0.20
N PHE A 295 -20.38 2.49 0.62
CA PHE A 295 -21.59 3.30 0.49
C PHE A 295 -21.17 4.75 0.40
N LEU A 296 -21.94 5.53 -0.34
CA LEU A 296 -21.79 6.98 -0.36
C LEU A 296 -23.11 7.62 0.02
N ALA A 297 -23.21 8.04 1.28
CA ALA A 297 -24.42 8.73 1.72
C ALA A 297 -24.39 10.17 1.25
N TRP A 298 -25.55 10.68 0.85
CA TRP A 298 -25.62 12.09 0.43
C TRP A 298 -25.46 13.00 1.64
N ASN A 299 -25.27 14.28 1.36
CA ASN A 299 -25.18 15.28 2.41
C ASN A 299 -26.55 15.89 2.69
N ASP A 300 -26.58 17.10 3.24
CA ASP A 300 -27.83 17.78 3.55
C ASP A 300 -28.74 16.87 4.39
N GLU A 301 -30.06 16.85 4.13
CA GLU A 301 -31.01 16.12 4.97
C GLU A 301 -30.82 14.60 4.93
N TRP A 302 -30.04 14.13 3.96
CA TRP A 302 -29.79 12.69 3.80
C TRP A 302 -28.63 12.17 4.63
N SER A 303 -27.84 13.09 5.20
CA SER A 303 -26.63 12.71 5.91
C SER A 303 -26.89 11.89 7.15
N PRO A 304 -26.03 10.89 7.41
CA PRO A 304 -26.10 10.23 8.71
C PRO A 304 -26.00 11.21 9.88
N ALA A 305 -25.32 12.34 9.68
CA ALA A 305 -25.13 13.32 10.76
C ALA A 305 -26.42 14.00 11.19
N VAL A 306 -27.45 13.97 10.33
CA VAL A 306 -28.75 14.55 10.69
C VAL A 306 -29.85 13.51 10.70
N ASN A 307 -29.45 12.25 10.79
CA ASN A 307 -30.38 11.15 10.93
C ASN A 307 -29.95 10.29 12.11
N LYS A 308 -30.66 9.21 12.37
CA LYS A 308 -30.27 8.32 13.46
C LYS A 308 -29.22 7.34 12.96
N GLY A 309 -28.44 6.80 13.89
CA GLY A 309 -27.57 5.65 13.62
C GLY A 309 -26.21 5.91 13.02
N ALA A 310 -25.76 7.17 13.02
CA ALA A 310 -24.44 7.50 12.48
C ALA A 310 -23.33 6.72 13.18
N SER A 311 -23.40 6.63 14.51
CA SER A 311 -22.38 5.91 15.27
C SER A 311 -22.36 4.42 14.91
N ALA A 312 -23.53 3.78 14.89
CA ALA A 312 -23.63 2.38 14.52
C ALA A 312 -23.11 2.15 13.10
N LEU A 313 -23.42 3.07 12.20
CA LEU A 313 -22.99 2.98 10.82
C LEU A 313 -21.47 3.03 10.72
N TYR A 314 -20.87 4.01 11.39
CA TYR A 314 -19.44 4.25 11.27
C TYR A 314 -18.56 3.35 12.13
N HIS A 315 -19.14 2.77 13.18
CA HIS A 315 -18.38 1.95 14.10
C HIS A 315 -18.65 0.46 13.98
N ASP A 316 -19.50 0.07 13.03
CA ASP A 316 -19.72 -1.34 12.76
C ASP A 316 -18.38 -2.01 12.45
N SER A 317 -18.21 -3.27 12.86
CA SER A 317 -16.99 -3.99 12.57
C SER A 317 -16.69 -4.06 11.07
N TRP A 318 -17.73 -3.94 10.24
CA TRP A 318 -17.53 -4.03 8.79
C TRP A 318 -17.04 -2.74 8.15
N THR A 319 -17.25 -1.61 8.82
CA THR A 319 -17.02 -0.31 8.19
C THR A 319 -15.55 0.10 8.23
N LEU A 320 -15.05 0.61 7.10
CA LEU A 320 -13.72 1.20 7.01
C LEU A 320 -13.81 2.68 6.74
N ASN A 321 -13.12 3.46 7.57
CA ASN A 321 -13.18 4.91 7.51
C ASN A 321 -11.86 5.52 7.00
N LYS A 322 -11.85 6.84 6.84
CA LYS A 322 -10.67 7.53 6.35
C LYS A 322 -9.44 7.12 7.16
N GLY A 323 -8.36 6.82 6.48
CA GLY A 323 -7.11 6.42 7.13
C GLY A 323 -6.99 4.92 7.38
N GLU A 324 -8.12 4.23 7.47
CA GLU A 324 -8.13 2.83 7.89
C GLU A 324 -7.87 1.85 6.76
N ILE A 325 -7.75 2.39 5.55
CA ILE A 325 -7.44 1.57 4.39
C ILE A 325 -5.93 1.34 4.28
N TRP A 326 -5.17 2.10 5.08
CA TRP A 326 -3.71 2.10 5.07
C TRP A 326 -3.07 1.42 6.27
N ASN A 327 -1.97 0.71 6.00
CA ASN A 327 -0.98 0.35 7.01
C ASN A 327 0.28 1.12 6.64
N GLY A 328 0.43 2.31 7.21
CA GLY A 328 1.49 3.22 6.78
C GLY A 328 1.28 3.64 5.35
N ASP A 329 2.23 3.33 4.49
CA ASP A 329 2.19 3.80 3.10
C ASP A 329 1.78 2.73 2.07
N SER A 330 1.35 1.57 2.59
CA SER A 330 0.78 0.51 1.77
C SER A 330 -0.64 0.20 2.25
N LEU A 331 -1.52 -0.18 1.32
CA LEU A 331 -2.88 -0.57 1.72
C LEU A 331 -2.84 -1.80 2.61
N THR A 332 -3.86 -1.97 3.46
CA THR A 332 -3.91 -3.12 4.33
C THR A 332 -4.00 -4.41 3.50
N PRO A 333 -3.49 -5.54 4.03
CA PRO A 333 -3.37 -6.76 3.23
C PRO A 333 -4.67 -7.23 2.58
N ILE A 334 -4.55 -7.66 1.34
CA ILE A 334 -5.64 -8.31 0.64
C ILE A 334 -5.91 -9.69 1.26
N VAL A 335 -7.19 -10.04 1.35
CA VAL A 335 -7.61 -11.37 1.76
C VAL A 335 -8.22 -12.03 0.54
N GLU A 336 -7.75 -13.23 0.22
CA GLU A 336 -8.30 -14.01 -0.87
C GLU A 336 -9.42 -14.91 -0.37
N HIS B 1 32.49 -30.44 10.26
CA HIS B 1 32.64 -29.82 8.91
C HIS B 1 33.00 -28.34 9.04
N THR B 2 33.56 -27.76 7.97
CA THR B 2 33.87 -26.36 7.91
C THR B 2 32.85 -25.68 6.99
N VAL B 3 32.23 -24.62 7.50
CA VAL B 3 31.35 -23.78 6.71
C VAL B 3 32.13 -22.50 6.38
N SER B 4 32.29 -22.21 5.09
CA SER B 4 33.05 -21.05 4.65
C SER B 4 32.13 -19.95 4.12
N PRO B 5 32.52 -18.67 4.30
CA PRO B 5 31.82 -17.59 3.63
C PRO B 5 31.75 -17.83 2.12
N VAL B 6 30.70 -17.33 1.49
CA VAL B 6 30.57 -17.46 0.05
C VAL B 6 31.69 -16.70 -0.69
N ASN B 7 32.20 -15.63 -0.09
CA ASN B 7 33.37 -14.96 -0.64
C ASN B 7 34.63 -15.78 -0.37
N PRO B 8 35.24 -16.37 -1.43
CA PRO B 8 36.36 -17.29 -1.18
C PRO B 8 37.60 -16.55 -0.68
N ASN B 9 37.62 -15.22 -0.84
CA ASN B 9 38.75 -14.42 -0.39
C ASN B 9 38.53 -13.73 0.95
N ALA B 10 37.50 -14.16 1.67
CA ALA B 10 37.20 -13.56 2.97
C ALA B 10 38.38 -13.59 3.92
N GLN B 11 38.50 -12.53 4.71
CA GLN B 11 39.50 -12.48 5.76
C GLN B 11 39.30 -13.67 6.69
N GLN B 12 40.39 -14.22 7.23
CA GLN B 12 40.26 -15.37 8.09
C GLN B 12 39.38 -15.12 9.33
N THR B 13 39.44 -13.92 9.91
CA THR B 13 38.58 -13.61 11.04
C THR B 13 37.11 -13.82 10.66
N THR B 14 36.74 -13.31 9.48
CA THR B 14 35.39 -13.48 8.97
C THR B 14 35.05 -14.94 8.67
N LYS B 15 35.99 -15.68 8.09
CA LYS B 15 35.80 -17.12 7.88
C LYS B 15 35.58 -17.87 9.19
N THR B 16 36.42 -17.58 10.18
CA THR B 16 36.33 -18.25 11.46
C THR B 16 35.01 -17.90 12.18
N VAL B 17 34.61 -16.63 12.14
CA VAL B 17 33.33 -16.22 12.73
C VAL B 17 32.14 -16.89 12.03
N MET B 18 32.16 -16.92 10.68
CA MET B 18 31.08 -17.53 9.93
C MET B 18 30.92 -19.02 10.28
N ASN B 19 32.05 -19.73 10.31
CA ASN B 19 32.05 -21.13 10.71
C ASN B 19 31.46 -21.33 12.12
N TRP B 20 31.88 -20.45 13.04
CA TRP B 20 31.40 -20.51 14.43
C TRP B 20 29.88 -20.30 14.49
N LEU B 21 29.38 -19.29 13.77
CA LEU B 21 27.94 -19.05 13.73
C LEU B 21 27.18 -20.26 13.23
N ALA B 22 27.66 -20.87 12.15
CA ALA B 22 26.97 -22.01 11.53
C ALA B 22 26.83 -23.21 12.47
N HIS B 23 27.74 -23.34 13.44
CA HIS B 23 27.76 -24.49 14.34
C HIS B 23 26.93 -24.28 15.62
N LEU B 24 26.34 -23.10 15.76
CA LEU B 24 25.59 -22.80 16.98
C LEU B 24 24.43 -23.76 17.29
N PRO B 25 23.61 -24.13 16.29
CA PRO B 25 22.49 -25.03 16.60
C PRO B 25 22.87 -26.43 17.08
N ASN B 26 24.15 -26.80 17.01
CA ASN B 26 24.60 -28.11 17.53
C ASN B 26 24.69 -28.12 19.05
N ARG B 27 24.67 -26.92 19.64
CA ARG B 27 24.74 -26.74 21.10
C ARG B 27 23.37 -27.02 21.74
N THR B 28 23.37 -27.12 23.07
CA THR B 28 22.12 -27.27 23.84
C THR B 28 21.77 -26.01 24.63
N GLU B 29 22.67 -25.03 24.59
CA GLU B 29 22.51 -23.73 25.24
C GLU B 29 23.42 -22.76 24.52
N ASN B 30 23.32 -21.46 24.85
CA ASN B 30 24.16 -20.42 24.25
C ASN B 30 24.26 -20.59 22.74
N ARG B 31 23.11 -20.56 22.09
CA ARG B 31 23.03 -20.91 20.67
C ARG B 31 22.22 -19.93 19.82
N VAL B 32 21.73 -18.85 20.43
CA VAL B 32 21.01 -17.80 19.70
C VAL B 32 21.58 -16.45 20.14
N LEU B 33 22.27 -15.75 19.24
CA LEU B 33 22.76 -14.43 19.58
C LEU B 33 21.61 -13.44 19.68
N SER B 34 21.62 -12.63 20.73
CA SER B 34 20.72 -11.51 20.82
C SER B 34 21.17 -10.38 19.90
N GLY B 35 20.24 -9.51 19.55
CA GLY B 35 20.54 -8.42 18.64
C GLY B 35 19.55 -7.29 18.77
N ALA B 36 20.03 -6.09 18.46
CA ALA B 36 19.20 -4.89 18.54
C ALA B 36 19.58 -3.95 17.41
N PHE B 37 18.57 -3.35 16.79
CA PHE B 37 18.80 -2.21 15.90
C PHE B 37 19.17 -0.97 16.71
N GLY B 38 20.26 -0.32 16.30
CA GLY B 38 20.73 0.88 17.00
C GLY B 38 20.30 2.19 16.38
N GLY B 39 19.81 2.14 15.14
CA GLY B 39 19.30 3.34 14.48
C GLY B 39 19.89 3.62 13.11
N TYR B 40 19.39 4.70 12.51
CA TYR B 40 19.86 5.16 11.19
C TYR B 40 21.00 6.15 11.37
N SER B 41 22.10 5.93 10.67
CA SER B 41 23.30 6.75 10.83
C SER B 41 23.00 8.23 10.62
N HIS B 42 23.50 9.07 11.53
CA HIS B 42 23.29 10.53 11.51
C HIS B 42 21.81 10.87 11.40
N ASP B 43 21.02 10.21 12.25
CA ASP B 43 19.59 10.48 12.36
C ASP B 43 19.14 9.98 13.72
N THR B 44 19.05 8.67 13.89
CA THR B 44 18.67 8.06 15.17
C THR B 44 19.76 7.16 15.75
N PHE B 45 20.77 6.81 14.96
CA PHE B 45 21.78 5.90 15.48
C PHE B 45 22.53 6.47 16.68
N SER B 46 22.64 5.64 17.72
CA SER B 46 23.43 5.90 18.92
C SER B 46 23.54 4.62 19.71
N MET B 47 24.19 4.69 20.87
CA MET B 47 24.26 3.56 21.77
C MET B 47 23.04 3.45 22.69
N ALA B 48 22.08 4.35 22.49
CA ALA B 48 20.94 4.43 23.42
C ALA B 48 20.13 3.13 23.50
N GLU B 49 19.94 2.46 22.36
CA GLU B 49 19.19 1.19 22.41
C GLU B 49 19.96 0.10 23.15
N ALA B 50 21.25 -0.07 22.85
CA ALA B 50 22.08 -1.03 23.59
C ALA B 50 22.09 -0.73 25.09
N ASP B 51 22.21 0.55 25.43
CA ASP B 51 22.24 0.96 26.84
C ASP B 51 20.92 0.65 27.54
N ARG B 52 19.82 0.90 26.84
CA ARG B 52 18.44 0.63 27.27
C ARG B 52 18.25 -0.84 27.63
N ILE B 53 18.75 -1.70 26.75
CA ILE B 53 18.68 -3.14 26.93
C ILE B 53 19.49 -3.56 28.15
N ARG B 54 20.69 -2.99 28.29
CA ARG B 54 21.53 -3.31 29.44
C ARG B 54 20.90 -2.84 30.76
N SER B 55 20.31 -1.65 30.74
CA SER B 55 19.61 -1.13 31.93
C SER B 55 18.50 -2.09 32.33
N ALA B 56 17.77 -2.61 31.34
CA ALA B 56 16.63 -3.48 31.58
C ALA B 56 17.00 -4.90 32.03
N THR B 57 18.10 -5.44 31.50
CA THR B 57 18.41 -6.87 31.63
C THR B 57 19.77 -7.18 32.25
N GLY B 58 20.63 -6.17 32.34
CA GLY B 58 22.00 -6.38 32.79
C GLY B 58 22.90 -6.95 31.70
N GLN B 59 22.35 -7.15 30.50
CA GLN B 59 23.11 -7.73 29.38
C GLN B 59 22.98 -6.82 28.18
N SER B 60 23.94 -6.92 27.25
CA SER B 60 23.92 -6.15 26.01
C SER B 60 23.69 -7.09 24.83
N PRO B 61 23.05 -6.58 23.76
CA PRO B 61 22.83 -7.44 22.59
C PRO B 61 24.14 -7.88 21.96
N ALA B 62 24.23 -9.15 21.57
CA ALA B 62 25.45 -9.63 20.93
C ALA B 62 25.70 -8.93 19.60
N ILE B 63 24.62 -8.63 18.88
CA ILE B 63 24.68 -7.97 17.57
C ILE B 63 24.07 -6.58 17.69
N TYR B 64 24.76 -5.58 17.14
CA TYR B 64 24.20 -4.23 17.12
C TYR B 64 24.13 -3.73 15.69
N GLY B 65 22.96 -3.23 15.31
CA GLY B 65 22.71 -2.81 13.93
C GLY B 65 22.76 -1.31 13.69
N CYS B 66 23.27 -0.95 12.52
CA CYS B 66 23.17 0.41 11.97
C CYS B 66 22.65 0.33 10.55
N ASP B 67 21.92 1.36 10.13
CA ASP B 67 21.48 1.46 8.74
C ASP B 67 22.06 2.74 8.19
N TYR B 68 22.85 2.60 7.12
CA TYR B 68 23.56 3.73 6.52
C TYR B 68 22.67 4.67 5.72
N ALA B 69 21.50 4.20 5.30
CA ALA B 69 20.74 4.88 4.26
C ALA B 69 19.42 5.47 4.76
N ARG B 70 19.25 6.77 4.53
CA ARG B 70 18.04 7.48 4.91
C ARG B 70 17.24 7.80 3.65
N GLY B 71 16.68 6.76 3.05
CA GLY B 71 16.07 6.85 1.73
C GLY B 71 14.78 7.63 1.62
N TRP B 72 14.25 8.08 2.76
CA TRP B 72 13.04 8.89 2.78
C TRP B 72 13.37 10.36 2.53
N LEU B 73 14.64 10.73 2.69
CA LEU B 73 15.06 12.12 2.57
C LEU B 73 15.28 12.53 1.12
N GLU B 74 14.75 13.70 0.76
CA GLU B 74 15.11 14.30 -0.52
C GLU B 74 16.37 15.14 -0.30
N THR B 75 17.35 14.93 -1.18
CA THR B 75 18.69 15.51 -1.01
C THR B 75 19.19 16.08 -2.32
N ALA B 76 20.16 16.99 -2.23
CA ALA B 76 20.78 17.61 -3.41
C ALA B 76 21.37 16.55 -4.34
N ASN B 77 22.13 15.64 -3.75
CA ASN B 77 22.66 14.48 -4.45
C ASN B 77 22.20 13.22 -3.72
N ILE B 78 21.78 12.22 -4.47
CA ILE B 78 21.17 11.02 -3.88
C ILE B 78 22.07 10.34 -2.85
N GLU B 79 23.38 10.36 -3.09
CA GLU B 79 24.32 9.69 -2.17
C GLU B 79 24.44 10.43 -0.82
N ASP B 80 23.94 11.65 -0.74
CA ASP B 80 23.87 12.36 0.54
C ASP B 80 22.99 11.62 1.55
N SER B 81 22.09 10.78 1.05
CA SER B 81 21.24 9.94 1.90
C SER B 81 22.04 8.84 2.63
N ILE B 82 23.26 8.59 2.17
CA ILE B 82 24.15 7.62 2.82
C ILE B 82 25.01 8.34 3.86
N ASP B 83 25.05 7.82 5.08
CA ASP B 83 25.96 8.32 6.11
C ASP B 83 26.55 7.13 6.84
N VAL B 84 27.86 7.15 7.06
CA VAL B 84 28.56 6.00 7.67
C VAL B 84 29.16 6.28 9.04
N SER B 85 28.77 7.39 9.66
CA SER B 85 29.34 7.79 10.94
C SER B 85 29.12 6.81 12.10
N CYS B 86 28.14 5.91 11.96
CA CYS B 86 27.92 4.88 12.98
C CYS B 86 29.08 3.88 13.06
N ASN B 87 29.96 3.89 12.07
CA ASN B 87 31.10 2.99 12.05
C ASN B 87 31.94 2.95 13.32
N SER B 88 32.21 4.12 13.91
CA SER B 88 33.06 4.16 15.11
C SER B 88 32.47 3.29 16.22
N ASP B 89 31.16 3.42 16.45
CA ASP B 89 30.47 2.60 17.44
C ASP B 89 30.42 1.12 17.04
N LEU B 90 30.26 0.85 15.75
CA LEU B 90 30.25 -0.54 15.28
C LEU B 90 31.59 -1.22 15.50
N MET B 91 32.68 -0.49 15.22
CA MET B 91 34.03 -1.00 15.43
C MET B 91 34.32 -1.27 16.90
N SER B 92 33.92 -0.33 17.75
CA SER B 92 34.04 -0.50 19.20
C SER B 92 33.22 -1.71 19.68
N TYR B 93 32.05 -1.93 19.07
CA TYR B 93 31.19 -3.03 19.48
C TYR B 93 31.89 -4.36 19.28
N TRP B 94 32.54 -4.51 18.11
CA TRP B 94 33.35 -5.69 17.82
C TRP B 94 34.51 -5.85 18.81
N LYS B 95 35.25 -4.75 19.05
CA LYS B 95 36.36 -4.80 20.00
C LYS B 95 35.91 -5.16 21.41
N ASN B 96 34.67 -4.84 21.75
CA ASN B 96 34.12 -5.08 23.08
C ASN B 96 33.19 -6.30 23.19
N GLY B 97 33.25 -7.19 22.21
CA GLY B 97 32.67 -8.52 22.34
C GLY B 97 31.35 -8.82 21.64
N GLY B 98 30.94 -7.94 20.74
CA GLY B 98 29.75 -8.15 19.92
C GLY B 98 30.06 -8.18 18.42
N ILE B 99 29.02 -8.16 17.58
CA ILE B 99 29.19 -8.20 16.12
C ILE B 99 28.28 -7.13 15.48
N PRO B 100 28.82 -6.32 14.55
CA PRO B 100 27.97 -5.33 13.88
C PRO B 100 27.14 -5.88 12.73
N GLN B 101 26.01 -5.23 12.47
CA GLN B 101 25.10 -5.58 11.38
C GLN B 101 24.71 -4.30 10.67
N ILE B 102 24.75 -4.32 9.33
CA ILE B 102 24.37 -3.15 8.53
C ILE B 102 23.27 -3.51 7.53
N SER B 103 22.21 -2.70 7.54
CA SER B 103 21.15 -2.75 6.54
C SER B 103 21.11 -1.41 5.80
N LEU B 104 20.29 -1.34 4.75
CA LEU B 104 20.23 -0.14 3.90
C LEU B 104 18.79 0.21 3.49
N HIS B 105 18.28 1.33 4.01
CA HIS B 105 17.00 1.87 3.52
C HIS B 105 17.28 2.75 2.29
N LEU B 106 17.71 2.11 1.21
CA LEU B 106 18.23 2.80 0.04
C LEU B 106 17.23 3.75 -0.59
N ALA B 107 17.68 4.97 -0.84
CA ALA B 107 16.93 5.89 -1.71
C ALA B 107 16.69 5.23 -3.06
N ASN B 108 15.66 5.72 -3.75
CA ASN B 108 15.21 5.18 -5.02
C ASN B 108 15.87 5.89 -6.21
N PRO B 109 16.83 5.19 -6.89
CA PRO B 109 17.59 5.86 -7.96
C PRO B 109 16.78 6.10 -9.26
N ALA B 110 15.54 5.62 -9.30
CA ALA B 110 14.64 6.01 -10.40
C ALA B 110 14.25 7.48 -10.27
N PHE B 111 14.51 8.04 -9.09
CA PHE B 111 14.22 9.43 -8.78
C PHE B 111 15.51 10.20 -8.52
N GLN B 112 15.42 11.53 -8.55
CA GLN B 112 16.55 12.38 -8.21
C GLN B 112 17.09 12.09 -6.81
N SER B 113 16.19 11.82 -5.86
CA SER B 113 16.56 11.42 -4.50
C SER B 113 15.34 10.89 -3.77
N GLY B 114 15.56 10.37 -2.56
CA GLY B 114 14.46 9.88 -1.73
C GLY B 114 13.60 8.81 -2.37
N HIS B 115 12.31 8.83 -2.05
CA HIS B 115 11.30 7.98 -2.67
C HIS B 115 11.54 6.47 -2.46
N PHE B 116 12.13 6.12 -1.31
CA PHE B 116 12.53 4.73 -1.05
C PHE B 116 11.38 3.71 -1.06
N LYS B 117 10.15 4.19 -0.86
CA LYS B 117 8.97 3.32 -0.87
C LYS B 117 8.00 3.63 -2.02
N THR B 118 8.51 4.34 -3.03
CA THR B 118 7.71 4.62 -4.23
C THR B 118 7.93 3.52 -5.28
N PRO B 119 6.84 2.83 -5.68
CA PRO B 119 7.03 1.72 -6.64
C PRO B 119 7.54 2.20 -8.00
N ILE B 120 8.28 1.34 -8.67
CA ILE B 120 8.81 1.63 -10.00
C ILE B 120 8.43 0.52 -10.97
N THR B 121 8.55 0.79 -12.28
CA THR B 121 8.26 -0.21 -13.30
C THR B 121 9.46 -1.09 -13.54
N ASN B 122 9.23 -2.25 -14.16
CA ASN B 122 10.32 -3.13 -14.57
C ASN B 122 11.29 -2.44 -15.53
N ASP B 123 10.77 -1.58 -16.40
CA ASP B 123 11.61 -0.78 -17.30
C ASP B 123 12.54 0.15 -16.51
N GLN B 124 12.01 0.82 -15.49
CA GLN B 124 12.81 1.67 -14.62
C GLN B 124 13.87 0.87 -13.85
N TYR B 125 13.47 -0.32 -13.39
CA TYR B 125 14.36 -1.24 -12.68
C TYR B 125 15.54 -1.63 -13.58
N LYS B 126 15.26 -1.89 -14.86
CA LYS B 126 16.29 -2.20 -15.85
C LYS B 126 17.27 -1.05 -16.02
N LYS B 127 16.75 0.17 -16.03
CA LYS B 127 17.59 1.36 -16.17
C LYS B 127 18.52 1.52 -14.98
N ILE B 128 18.02 1.20 -13.78
CA ILE B 128 18.82 1.24 -12.56
C ILE B 128 20.00 0.26 -12.64
N LEU B 129 19.78 -0.87 -13.32
CA LEU B 129 20.80 -1.89 -13.49
C LEU B 129 21.81 -1.57 -14.59
N ASP B 130 21.52 -0.51 -15.34
CA ASP B 130 22.33 -0.09 -16.48
C ASP B 130 23.20 1.10 -16.06
N SER B 131 24.50 0.85 -15.89
CA SER B 131 25.46 1.86 -15.44
C SER B 131 25.60 3.10 -16.34
N SER B 132 25.07 3.02 -17.56
CA SER B 132 25.16 4.14 -18.51
C SER B 132 24.09 5.21 -18.31
N THR B 133 23.03 4.85 -17.58
CA THR B 133 21.89 5.75 -17.38
C THR B 133 22.05 6.63 -16.14
N ALA B 134 21.28 7.72 -16.07
CA ALA B 134 21.24 8.56 -14.87
C ALA B 134 20.84 7.76 -13.64
N GLU B 135 19.85 6.86 -13.81
CA GLU B 135 19.39 5.97 -12.74
C GLU B 135 20.50 5.05 -12.26
N GLY B 136 21.19 4.42 -13.21
CA GLY B 136 22.29 3.52 -12.90
C GLY B 136 23.46 4.22 -12.22
N LYS B 137 23.77 5.42 -12.68
CA LYS B 137 24.84 6.21 -12.06
C LYS B 137 24.51 6.60 -10.63
N ARG B 138 23.23 6.91 -10.39
CA ARG B 138 22.77 7.21 -9.03
C ARG B 138 22.92 6.01 -8.10
N LEU B 139 22.54 4.82 -8.59
CA LEU B 139 22.75 3.60 -7.81
C LEU B 139 24.23 3.40 -7.49
N ASN B 140 25.08 3.50 -8.51
CA ASN B 140 26.53 3.31 -8.34
C ASN B 140 27.14 4.30 -7.36
N ALA B 141 26.65 5.54 -7.38
CA ALA B 141 27.13 6.58 -6.45
C ALA B 141 26.80 6.20 -5.00
N MET B 142 25.62 5.62 -4.79
CA MET B 142 25.26 5.14 -3.46
C MET B 142 26.13 3.94 -3.06
N LEU B 143 26.27 2.98 -3.97
CA LEU B 143 27.08 1.79 -3.68
C LEU B 143 28.52 2.14 -3.35
N SER B 144 29.10 3.10 -4.09
CA SER B 144 30.47 3.51 -3.85
C SER B 144 30.62 4.14 -2.46
N LYS B 145 29.69 5.01 -2.08
CA LYS B 145 29.76 5.63 -0.75
C LYS B 145 29.57 4.60 0.38
N ILE B 146 28.66 3.65 0.16
CA ILE B 146 28.46 2.55 1.11
C ILE B 146 29.75 1.74 1.24
N ALA B 147 30.35 1.38 0.10
CA ALA B 147 31.60 0.62 0.12
C ALA B 147 32.73 1.38 0.82
N ASP B 148 32.82 2.69 0.58
CA ASP B 148 33.80 3.52 1.29
C ASP B 148 33.64 3.34 2.81
N GLY B 149 32.40 3.30 3.27
CA GLY B 149 32.09 3.08 4.68
C GLY B 149 32.46 1.69 5.15
N LEU B 150 32.08 0.67 4.37
CA LEU B 150 32.39 -0.70 4.77
C LEU B 150 33.89 -0.92 4.83
N GLN B 151 34.63 -0.28 3.93
CA GLN B 151 36.08 -0.38 3.91
C GLN B 151 36.75 0.05 5.22
N GLU B 152 36.19 1.07 5.87
CA GLU B 152 36.70 1.50 7.17
C GLU B 152 36.69 0.35 8.17
N LEU B 153 35.60 -0.42 8.17
CA LEU B 153 35.47 -1.57 9.06
C LEU B 153 36.41 -2.71 8.66
N GLU B 154 36.54 -2.95 7.36
CA GLU B 154 37.45 -3.97 6.85
C GLU B 154 38.90 -3.72 7.29
N ASN B 155 39.29 -2.46 7.31
CA ASN B 155 40.65 -2.09 7.66
C ASN B 155 41.01 -2.43 9.11
N GLN B 156 40.00 -2.60 9.94
CA GLN B 156 40.20 -3.03 11.31
C GLN B 156 39.86 -4.51 11.51
N GLY B 157 39.59 -5.21 10.41
CA GLY B 157 39.35 -6.65 10.45
C GLY B 157 38.03 -7.04 11.08
N VAL B 158 37.05 -6.13 11.01
CA VAL B 158 35.76 -6.32 11.67
C VAL B 158 34.79 -7.04 10.74
N PRO B 159 34.33 -8.25 11.13
CA PRO B 159 33.30 -8.91 10.35
C PRO B 159 31.98 -8.16 10.45
N VAL B 160 31.23 -8.12 9.35
CA VAL B 160 29.97 -7.40 9.29
C VAL B 160 28.87 -8.28 8.73
N LEU B 161 27.77 -8.40 9.48
CA LEU B 161 26.55 -9.00 8.94
C LEU B 161 25.92 -7.96 8.03
N PHE B 162 26.05 -8.18 6.72
CA PHE B 162 25.62 -7.22 5.72
C PHE B 162 24.32 -7.72 5.10
N ARG B 163 23.25 -6.94 5.27
CA ARG B 163 21.89 -7.38 4.93
C ARG B 163 21.25 -6.37 3.97
N PRO B 164 21.61 -6.46 2.68
CA PRO B 164 21.09 -5.51 1.70
C PRO B 164 19.77 -5.97 1.07
N LEU B 165 18.98 -5.02 0.59
CA LEU B 165 17.82 -5.34 -0.26
C LEU B 165 16.84 -6.31 0.42
N HIS B 166 16.53 -6.02 1.69
CA HIS B 166 15.66 -6.87 2.48
C HIS B 166 14.18 -6.70 2.15
N GLU B 167 13.38 -7.67 2.57
CA GLU B 167 11.92 -7.61 2.41
C GLU B 167 11.55 -7.38 0.95
N MET B 168 12.28 -8.06 0.07
CA MET B 168 12.10 -7.93 -1.37
C MET B 168 10.78 -8.54 -1.85
N ASN B 169 10.20 -9.44 -1.06
CA ASN B 169 8.88 -10.00 -1.34
C ASN B 169 7.73 -9.12 -0.82
N GLY B 170 8.09 -8.03 -0.13
CA GLY B 170 7.14 -7.00 0.26
C GLY B 170 6.83 -6.08 -0.90
N GLU B 171 5.88 -5.19 -0.70
CA GLU B 171 5.42 -4.26 -1.72
C GLU B 171 5.74 -2.81 -1.36
N TRP B 172 6.54 -2.63 -0.30
CA TRP B 172 6.84 -1.29 0.20
C TRP B 172 8.13 -0.70 -0.38
N PHE B 173 9.25 -1.40 -0.29
CA PHE B 173 10.52 -0.86 -0.77
C PHE B 173 10.58 -0.88 -2.30
N TRP B 174 11.28 0.09 -2.89
CA TRP B 174 11.31 0.20 -4.36
C TRP B 174 11.90 -1.03 -5.06
N TRP B 175 12.78 -1.77 -4.36
CA TRP B 175 13.46 -2.92 -4.96
C TRP B 175 12.65 -4.22 -4.92
N GLY B 176 11.51 -4.20 -4.25
CA GLY B 176 10.70 -5.40 -4.10
C GLY B 176 9.60 -5.50 -5.14
N LEU B 177 8.52 -6.17 -4.79
CA LEU B 177 7.36 -6.26 -5.67
C LEU B 177 6.64 -4.93 -5.74
N THR B 178 5.98 -4.69 -6.88
CA THR B 178 5.17 -3.49 -7.03
C THR B 178 3.82 -3.68 -6.35
N SER B 179 3.38 -4.94 -6.30
CA SER B 179 2.01 -5.29 -5.95
C SER B 179 1.96 -6.39 -4.88
N TYR B 180 1.23 -6.14 -3.80
CA TYR B 180 1.02 -7.08 -2.68
C TYR B 180 0.83 -8.52 -3.16
N ASN B 181 1.78 -9.38 -2.80
CA ASN B 181 1.74 -10.82 -3.11
C ASN B 181 1.49 -11.21 -4.59
N GLN B 182 1.79 -10.30 -5.51
CA GLN B 182 1.63 -10.63 -6.93
C GLN B 182 2.94 -11.10 -7.55
N LYS B 183 2.99 -12.37 -7.93
CA LYS B 183 4.17 -12.90 -8.61
C LYS B 183 4.43 -12.17 -9.91
N ASP B 184 5.67 -11.76 -10.09
CA ASP B 184 6.11 -11.09 -11.31
C ASP B 184 7.47 -11.69 -11.61
N ASN B 185 7.51 -12.62 -12.56
CA ASN B 185 8.73 -13.35 -12.89
C ASN B 185 9.88 -12.42 -13.31
N GLU B 186 9.55 -11.38 -14.06
CA GLU B 186 10.55 -10.40 -14.47
C GLU B 186 11.11 -9.64 -13.27
N ARG B 187 10.24 -9.19 -12.37
CA ARG B 187 10.68 -8.48 -11.17
C ARG B 187 11.60 -9.36 -10.33
N ILE B 188 11.24 -10.63 -10.19
CA ILE B 188 12.06 -11.61 -9.46
C ILE B 188 13.46 -11.73 -10.09
N SER B 189 13.53 -11.87 -11.40
CA SER B 189 14.83 -11.96 -12.08
C SER B 189 15.64 -10.67 -11.96
N LEU B 190 14.96 -9.53 -12.04
CA LEU B 190 15.62 -8.22 -11.88
C LEU B 190 16.18 -8.02 -10.47
N TYR B 191 15.41 -8.45 -9.47
CA TYR B 191 15.88 -8.41 -8.10
C TYR B 191 17.18 -9.18 -7.95
N LYS B 192 17.22 -10.42 -8.47
CA LYS B 192 18.43 -11.23 -8.38
C LYS B 192 19.62 -10.56 -9.07
N GLN B 193 19.36 -9.91 -10.22
CA GLN B 193 20.40 -9.13 -10.89
C GLN B 193 20.91 -8.00 -10.01
N LEU B 194 19.99 -7.32 -9.33
CA LEU B 194 20.36 -6.22 -8.44
C LEU B 194 21.18 -6.70 -7.25
N TYR B 195 20.71 -7.76 -6.60
CA TYR B 195 21.46 -8.35 -5.49
C TYR B 195 22.87 -8.75 -5.94
N LYS B 196 22.96 -9.45 -7.08
CA LYS B 196 24.26 -9.90 -7.58
C LYS B 196 25.16 -8.75 -8.03
N LYS B 197 24.56 -7.67 -8.52
CA LYS B 197 25.31 -6.45 -8.84
C LYS B 197 25.96 -5.88 -7.58
N ILE B 198 25.21 -5.79 -6.49
CA ILE B 198 25.77 -5.31 -5.24
C ILE B 198 26.83 -6.30 -4.75
N TYR B 199 26.53 -7.60 -4.83
CA TYR B 199 27.50 -8.60 -4.40
C TYR B 199 28.82 -8.47 -5.16
N HIS B 200 28.72 -8.38 -6.50
CA HIS B 200 29.89 -8.27 -7.35
C HIS B 200 30.66 -6.98 -7.10
N TYR B 201 29.93 -5.88 -6.93
CA TYR B 201 30.57 -4.60 -6.65
C TYR B 201 31.34 -4.62 -5.32
N MET B 202 30.68 -5.07 -4.26
CA MET B 202 31.33 -5.08 -2.94
C MET B 202 32.47 -6.09 -2.88
N THR B 203 32.25 -7.28 -3.44
CA THR B 203 33.19 -8.38 -3.28
C THR B 203 34.34 -8.29 -4.28
N ASP B 204 34.00 -8.16 -5.55
CA ASP B 204 35.04 -8.22 -6.59
C ASP B 204 35.63 -6.86 -6.89
N THR B 205 34.80 -5.89 -7.23
CA THR B 205 35.31 -4.56 -7.58
C THR B 205 36.00 -3.89 -6.39
N ARG B 206 35.37 -3.96 -5.21
CA ARG B 206 35.88 -3.26 -4.02
C ARG B 206 36.72 -4.15 -3.11
N GLY B 207 36.74 -5.45 -3.39
CA GLY B 207 37.56 -6.39 -2.63
C GLY B 207 37.25 -6.44 -1.14
N LEU B 208 35.97 -6.29 -0.79
CA LEU B 208 35.56 -6.25 0.61
C LEU B 208 35.43 -7.66 1.13
N ASP B 209 36.36 -8.02 2.00
CA ASP B 209 36.55 -9.41 2.41
C ASP B 209 36.11 -9.70 3.85
N HIS B 210 35.34 -8.77 4.41
CA HIS B 210 34.85 -8.89 5.79
C HIS B 210 33.33 -9.01 5.89
N LEU B 211 32.67 -9.29 4.78
CA LEU B 211 31.20 -9.30 4.74
C LEU B 211 30.61 -10.69 4.77
N ILE B 212 29.60 -10.84 5.62
CA ILE B 212 28.75 -12.02 5.71
C ILE B 212 27.38 -11.59 5.16
N TRP B 213 26.95 -12.27 4.09
CA TRP B 213 25.80 -11.82 3.30
C TRP B 213 24.50 -12.43 3.79
N VAL B 214 23.52 -11.56 4.08
CA VAL B 214 22.26 -11.97 4.70
C VAL B 214 21.06 -11.68 3.80
N TYR B 215 20.30 -12.73 3.52
CA TYR B 215 19.10 -12.67 2.67
C TYR B 215 17.84 -12.73 3.56
N SER B 216 17.04 -11.67 3.50
CA SER B 216 15.95 -11.48 4.49
C SER B 216 14.59 -11.10 3.92
N PRO B 217 13.83 -12.08 3.45
CA PRO B 217 12.45 -11.80 3.06
C PRO B 217 11.58 -11.47 4.26
N ASP B 218 10.42 -10.88 3.96
CA ASP B 218 9.40 -10.62 4.97
C ASP B 218 8.62 -11.89 5.31
N ALA B 219 8.36 -12.10 6.61
CA ALA B 219 7.61 -13.27 7.07
C ALA B 219 6.13 -13.26 6.68
N ASN B 220 5.60 -12.10 6.32
CA ASN B 220 4.15 -11.99 6.09
C ASN B 220 3.77 -11.86 4.63
N ARG B 221 4.69 -12.22 3.74
CA ARG B 221 4.43 -12.19 2.30
C ARG B 221 4.89 -13.49 1.65
N ASP B 222 4.32 -13.79 0.49
CA ASP B 222 4.68 -15.00 -0.26
C ASP B 222 6.05 -14.86 -0.94
N PHE B 223 6.44 -15.90 -1.68
CA PHE B 223 7.65 -15.86 -2.53
C PHE B 223 8.94 -15.70 -1.72
N LYS B 224 8.95 -16.24 -0.51
CA LYS B 224 10.10 -16.13 0.38
C LYS B 224 11.39 -16.71 -0.19
N THR B 225 11.28 -17.76 -1.00
CA THR B 225 12.47 -18.35 -1.61
C THR B 225 12.61 -18.04 -3.10
N ASP B 226 11.55 -17.51 -3.73
CA ASP B 226 11.61 -17.22 -5.17
C ASP B 226 12.67 -16.19 -5.51
N PHE B 227 12.90 -15.26 -4.59
CA PHE B 227 13.86 -14.18 -4.78
C PHE B 227 15.30 -14.54 -4.40
N TYR B 228 15.52 -15.77 -3.92
CA TYR B 228 16.85 -16.21 -3.49
C TYR B 228 17.86 -16.14 -4.64
N PRO B 229 18.92 -15.32 -4.49
CA PRO B 229 19.85 -15.18 -5.63
C PRO B 229 20.77 -16.38 -5.85
N GLY B 230 20.83 -17.30 -4.88
CA GLY B 230 21.63 -18.50 -5.03
C GLY B 230 22.62 -18.71 -3.91
N ALA B 231 23.01 -19.97 -3.71
CA ALA B 231 23.94 -20.33 -2.63
C ALA B 231 25.31 -19.66 -2.71
N SER B 232 25.68 -19.21 -3.90
CA SER B 232 26.99 -18.59 -4.12
C SER B 232 27.04 -17.13 -3.65
N TYR B 233 25.90 -16.58 -3.22
CA TYR B 233 25.86 -15.15 -2.90
C TYR B 233 25.25 -14.83 -1.54
N VAL B 234 24.92 -15.87 -0.78
CA VAL B 234 24.23 -15.71 0.50
C VAL B 234 24.89 -16.60 1.54
N ASP B 235 25.21 -16.02 2.70
CA ASP B 235 25.76 -16.78 3.83
C ASP B 235 24.68 -17.20 4.84
N ILE B 236 23.76 -16.29 5.12
CA ILE B 236 22.71 -16.49 6.13
C ILE B 236 21.38 -16.12 5.51
N VAL B 237 20.36 -16.94 5.78
CA VAL B 237 18.99 -16.63 5.39
C VAL B 237 18.17 -16.29 6.63
N GLY B 238 17.11 -15.53 6.47
CA GLY B 238 16.30 -15.19 7.63
C GLY B 238 14.97 -14.56 7.33
N LEU B 239 14.15 -14.47 8.37
CA LEU B 239 12.88 -13.77 8.29
C LEU B 239 12.91 -12.46 9.03
N ASP B 240 12.42 -11.41 8.37
CA ASP B 240 12.02 -10.22 9.08
C ASP B 240 10.58 -10.46 9.52
N ALA B 241 10.39 -10.62 10.83
CA ALA B 241 9.11 -11.09 11.36
C ALA B 241 8.51 -10.11 12.37
N TYR B 242 7.44 -9.44 11.96
CA TYR B 242 6.66 -8.59 12.85
C TYR B 242 5.30 -9.26 12.99
N PHE B 243 4.93 -9.57 14.22
CA PHE B 243 3.80 -10.48 14.47
C PHE B 243 3.19 -10.23 15.83
N GLN B 244 2.01 -10.82 16.03
CA GLN B 244 1.38 -10.90 17.35
C GLN B 244 1.59 -12.29 17.95
N ASP B 245 1.47 -13.30 17.09
CA ASP B 245 1.52 -14.71 17.48
C ASP B 245 2.86 -15.33 17.10
N ALA B 246 3.69 -15.61 18.11
CA ALA B 246 5.03 -16.19 17.89
C ALA B 246 4.99 -17.62 17.37
N TYR B 247 3.83 -18.27 17.50
CA TYR B 247 3.72 -19.71 17.21
C TYR B 247 3.16 -20.05 15.84
N SER B 248 2.96 -19.02 15.01
CA SER B 248 2.41 -19.22 13.66
C SER B 248 3.17 -18.43 12.58
N ILE B 249 4.45 -18.15 12.83
CA ILE B 249 5.28 -17.46 11.84
C ILE B 249 5.57 -18.43 10.69
N ASN B 250 5.37 -17.96 9.46
CA ASN B 250 5.61 -18.76 8.26
C ASN B 250 7.00 -18.54 7.68
N GLY B 251 7.53 -19.58 7.05
CA GLY B 251 8.74 -19.45 6.24
C GLY B 251 9.97 -20.16 6.76
N TYR B 252 9.91 -20.65 8.00
CA TYR B 252 11.07 -21.31 8.60
C TYR B 252 11.48 -22.57 7.83
N ASP B 253 10.52 -23.42 7.51
CA ASP B 253 10.83 -24.63 6.74
C ASP B 253 11.41 -24.30 5.36
N GLN B 254 10.77 -23.35 4.67
CA GLN B 254 11.21 -22.93 3.34
C GLN B 254 12.66 -22.44 3.34
N LEU B 255 13.00 -21.59 4.30
CA LEU B 255 14.34 -21.01 4.33
C LEU B 255 15.40 -21.97 4.84
N THR B 256 15.08 -22.76 5.86
CA THR B 256 16.07 -23.71 6.35
C THR B 256 16.38 -24.78 5.31
N ALA B 257 15.42 -25.03 4.41
CA ALA B 257 15.63 -25.99 3.31
C ALA B 257 16.73 -25.53 2.33
N LEU B 258 17.10 -24.25 2.39
CA LEU B 258 18.18 -23.71 1.57
C LEU B 258 19.56 -24.07 2.10
N ASN B 259 19.60 -24.73 3.25
CA ASN B 259 20.84 -25.24 3.82
C ASN B 259 21.88 -24.14 4.06
N LYS B 260 21.36 -23.03 4.58
CA LYS B 260 22.17 -21.93 5.11
C LYS B 260 21.72 -21.69 6.54
N PRO B 261 22.62 -21.21 7.41
CA PRO B 261 22.17 -20.82 8.75
C PRO B 261 20.99 -19.84 8.69
N PHE B 262 20.06 -19.99 9.63
CA PHE B 262 18.80 -19.26 9.65
C PHE B 262 18.78 -18.30 10.83
N ALA B 263 18.23 -17.11 10.63
CA ALA B 263 18.08 -16.14 11.72
C ALA B 263 16.76 -15.37 11.63
N PHE B 264 16.34 -14.82 12.76
CA PHE B 264 15.27 -13.83 12.75
C PHE B 264 15.94 -12.50 12.56
N THR B 265 16.05 -12.12 11.29
CA THR B 265 16.87 -10.99 10.91
C THR B 265 16.29 -9.62 11.28
N GLU B 266 14.97 -9.58 11.51
CA GLU B 266 14.31 -8.51 12.27
C GLU B 266 13.18 -9.15 13.05
N VAL B 267 12.88 -8.61 14.23
CA VAL B 267 11.74 -9.06 15.01
C VAL B 267 11.12 -7.90 15.77
N GLY B 268 9.81 -7.93 15.90
CA GLY B 268 9.10 -6.99 16.75
C GLY B 268 7.60 -7.21 16.71
N PRO B 269 6.85 -6.53 17.59
CA PRO B 269 5.39 -6.56 17.53
C PRO B 269 4.81 -5.97 16.24
N GLN B 270 3.73 -6.57 15.77
CA GLN B 270 2.97 -6.07 14.61
C GLN B 270 2.25 -4.79 14.97
N THR B 271 1.57 -4.78 16.11
CA THR B 271 0.93 -3.58 16.63
C THR B 271 1.61 -3.23 17.94
N ALA B 272 2.45 -2.19 17.89
CA ALA B 272 3.25 -1.80 19.03
C ALA B 272 2.44 -1.07 20.10
N ASN B 273 2.24 -1.76 21.21
CA ASN B 273 1.76 -1.17 22.47
C ASN B 273 2.24 -2.08 23.60
N GLY B 274 3.31 -1.66 24.28
CA GLY B 274 4.11 -2.50 25.19
C GLY B 274 3.48 -3.66 25.95
N SER B 275 2.91 -4.62 25.21
CA SER B 275 2.37 -5.83 25.84
C SER B 275 2.83 -7.09 25.10
N PHE B 276 3.53 -6.91 23.98
CA PHE B 276 4.07 -8.03 23.22
C PHE B 276 5.13 -8.72 24.08
N ASP B 277 5.02 -10.04 24.21
CA ASP B 277 5.83 -10.78 25.18
C ASP B 277 7.01 -11.50 24.53
N TYR B 278 8.20 -10.92 24.70
CA TYR B 278 9.42 -11.52 24.16
C TYR B 278 9.77 -12.88 24.78
N SER B 279 9.24 -13.18 25.97
CA SER B 279 9.47 -14.51 26.55
C SER B 279 8.84 -15.60 25.66
N LEU B 280 7.73 -15.27 25.01
CA LEU B 280 7.06 -16.21 24.13
C LEU B 280 7.83 -16.41 22.83
N PHE B 281 8.53 -15.36 22.39
CA PHE B 281 9.35 -15.44 21.20
C PHE B 281 10.51 -16.42 21.38
N ILE B 282 11.25 -16.31 22.48
CA ILE B 282 12.33 -17.27 22.73
C ILE B 282 11.80 -18.69 22.95
N ASN B 283 10.65 -18.82 23.61
CA ASN B 283 10.03 -20.13 23.77
C ASN B 283 9.67 -20.73 22.42
N ALA B 284 9.09 -19.92 21.53
CA ALA B 284 8.71 -20.39 20.20
C ALA B 284 9.93 -20.77 19.36
N ILE B 285 11.03 -20.03 19.49
CA ILE B 285 12.28 -20.45 18.86
C ILE B 285 12.64 -21.90 19.23
N LYS B 286 12.61 -22.21 20.53
CA LYS B 286 12.95 -23.56 20.98
C LYS B 286 11.99 -24.62 20.46
N GLN B 287 10.70 -24.27 20.39
CA GLN B 287 9.67 -25.21 19.99
C GLN B 287 9.56 -25.40 18.48
N ARG B 288 9.66 -24.29 17.75
CA ARG B 288 9.31 -24.22 16.32
C ARG B 288 10.43 -23.79 15.38
N TYR B 289 11.36 -22.99 15.88
CA TYR B 289 12.42 -22.43 15.01
C TYR B 289 13.83 -22.69 15.57
N PRO B 290 14.14 -23.96 15.93
CA PRO B 290 15.38 -24.18 16.69
C PRO B 290 16.69 -23.84 15.98
N LYS B 291 16.70 -23.87 14.65
CA LYS B 291 17.92 -23.56 13.89
C LYS B 291 18.30 -22.08 13.92
N THR B 292 17.43 -21.24 14.50
CA THR B 292 17.71 -19.81 14.65
C THR B 292 19.05 -19.57 15.32
N ILE B 293 19.93 -18.81 14.66
CA ILE B 293 21.24 -18.50 15.25
C ILE B 293 21.34 -17.11 15.83
N TYR B 294 20.41 -16.23 15.45
CA TYR B 294 20.33 -14.91 16.07
C TYR B 294 18.96 -14.28 15.85
N PHE B 295 18.65 -13.29 16.67
CA PHE B 295 17.54 -12.39 16.41
C PHE B 295 18.04 -10.96 16.48
N LEU B 296 17.43 -10.09 15.68
CA LEU B 296 17.68 -8.65 15.75
C LEU B 296 16.35 -7.98 16.00
N ALA B 297 16.10 -7.63 17.26
CA ALA B 297 14.89 -6.90 17.59
C ALA B 297 15.03 -5.44 17.20
N TRP B 298 13.95 -4.86 16.68
CA TRP B 298 14.01 -3.45 16.31
C TRP B 298 14.08 -2.58 17.57
N ASN B 299 14.32 -1.28 17.36
CA ASN B 299 14.38 -0.35 18.47
C ASN B 299 13.05 0.37 18.65
N ASP B 300 13.07 1.53 19.31
CA ASP B 300 11.86 2.32 19.53
C ASP B 300 10.75 1.46 20.15
N GLU B 301 9.51 1.57 19.68
CA GLU B 301 8.37 0.90 20.31
C GLU B 301 8.45 -0.62 20.20
N TRP B 302 9.34 -1.11 19.35
CA TRP B 302 9.48 -2.56 19.11
C TRP B 302 10.45 -3.22 20.08
N SER B 303 11.21 -2.40 20.80
CA SER B 303 12.29 -2.88 21.63
C SER B 303 11.82 -3.75 22.79
N PRO B 304 12.56 -4.83 23.09
CA PRO B 304 12.31 -5.54 24.35
C PRO B 304 12.29 -4.62 25.58
N ALA B 305 13.05 -3.52 25.53
CA ALA B 305 13.19 -2.67 26.70
C ALA B 305 11.89 -1.93 27.05
N VAL B 306 10.96 -1.85 26.10
CA VAL B 306 9.64 -1.23 26.35
C VAL B 306 8.48 -2.19 26.10
N ASN B 307 8.79 -3.49 26.09
CA ASN B 307 7.80 -4.54 25.96
C ASN B 307 7.93 -5.54 27.11
N LYS B 308 7.09 -6.57 27.11
CA LYS B 308 7.16 -7.61 28.15
C LYS B 308 8.25 -8.62 27.82
N GLY B 309 8.86 -9.19 28.85
CA GLY B 309 9.72 -10.37 28.69
C GLY B 309 11.17 -10.13 28.31
N ALA B 310 11.66 -8.90 28.44
CA ALA B 310 13.06 -8.61 28.10
C ALA B 310 14.04 -9.43 28.92
N SER B 311 13.79 -9.56 30.21
CA SER B 311 14.70 -10.31 31.07
C SER B 311 14.69 -11.79 30.71
N ALA B 312 13.50 -12.36 30.54
CA ALA B 312 13.40 -13.76 30.12
C ALA B 312 14.10 -14.00 28.77
N LEU B 313 13.96 -13.05 27.84
CA LEU B 313 14.61 -13.16 26.54
C LEU B 313 16.14 -13.18 26.68
N TYR B 314 16.67 -12.23 27.44
CA TYR B 314 18.11 -12.05 27.53
C TYR B 314 18.78 -13.03 28.49
N HIS B 315 18.00 -13.59 29.41
CA HIS B 315 18.55 -14.55 30.38
C HIS B 315 18.26 -16.00 30.08
N ASP B 316 17.53 -16.25 28.99
CA ASP B 316 17.27 -17.62 28.58
C ASP B 316 18.58 -18.38 28.36
N SER B 317 18.56 -19.67 28.72
CA SER B 317 19.75 -20.52 28.56
C SER B 317 20.27 -20.55 27.12
N TRP B 318 19.38 -20.34 26.14
CA TRP B 318 19.77 -20.36 24.72
C TRP B 318 20.43 -19.07 24.23
N THR B 319 20.21 -17.98 24.95
CA THR B 319 20.60 -16.66 24.46
C THR B 319 22.06 -16.37 24.75
N LEU B 320 22.75 -15.85 23.74
CA LEU B 320 24.15 -15.51 23.82
C LEU B 320 24.26 -14.00 23.64
N ASN B 321 24.82 -13.33 24.64
CA ASN B 321 24.86 -11.87 24.65
C ASN B 321 26.26 -11.32 24.39
N LYS B 322 26.37 -10.00 24.31
CA LYS B 322 27.66 -9.34 24.12
C LYS B 322 28.62 -9.86 25.17
N GLY B 323 29.84 -10.16 24.75
CA GLY B 323 30.84 -10.70 25.67
C GLY B 323 30.82 -12.21 25.83
N GLU B 324 29.80 -12.87 25.26
CA GLU B 324 29.68 -14.33 25.38
C GLU B 324 30.06 -15.08 24.10
N ILE B 325 30.53 -14.31 23.11
CA ILE B 325 31.06 -14.84 21.84
C ILE B 325 32.50 -15.35 22.05
N TRP B 326 33.31 -14.50 22.69
CA TRP B 326 34.71 -14.81 23.00
C TRP B 326 34.88 -15.28 24.44
N ASN B 327 35.74 -16.29 24.62
CA ASN B 327 36.27 -16.67 25.94
C ASN B 327 37.75 -16.30 25.97
N GLY B 328 38.05 -15.10 26.46
CA GLY B 328 39.40 -14.57 26.36
C GLY B 328 39.72 -14.24 24.91
N ASP B 329 40.83 -14.79 24.43
CA ASP B 329 41.34 -14.45 23.10
C ASP B 329 40.84 -15.35 21.97
N SER B 330 39.89 -16.23 22.30
CA SER B 330 39.37 -17.16 21.30
C SER B 330 37.87 -17.37 21.45
N LEU B 331 37.23 -17.63 20.32
CA LEU B 331 35.79 -17.89 20.32
C LEU B 331 35.46 -19.08 21.21
N THR B 332 34.26 -19.07 21.79
CA THR B 332 33.84 -20.20 22.62
C THR B 332 33.81 -21.45 21.74
N PRO B 333 34.08 -22.63 22.32
CA PRO B 333 34.24 -23.89 21.56
C PRO B 333 33.14 -24.22 20.55
N ILE B 334 33.57 -24.64 19.36
CA ILE B 334 32.69 -25.22 18.36
C ILE B 334 32.15 -26.56 18.85
N VAL B 335 30.85 -26.77 18.67
CA VAL B 335 30.26 -28.09 18.86
C VAL B 335 29.84 -28.62 17.48
N GLU B 336 30.30 -29.83 17.16
CA GLU B 336 29.87 -30.52 15.94
C GLU B 336 28.61 -31.34 16.18
ZN ZN C . -7.36 -12.41 -5.71
C1 GOL D . -32.59 14.89 -8.69
O1 GOL D . -32.60 13.48 -8.47
C2 GOL D . -31.23 15.48 -8.35
O2 GOL D . -30.92 15.28 -6.98
C3 GOL D . -31.15 16.98 -8.72
O3 GOL D . -29.81 17.32 -8.51
C1 GOL E . -29.97 17.14 -4.30
O1 GOL E . -28.71 17.58 -4.75
C2 GOL E . -30.84 18.26 -3.74
O2 GOL E . -31.59 18.79 -4.83
C3 GOL E . -30.00 19.32 -3.04
O3 GOL E . -29.47 18.81 -1.83
C1 GOL F . -29.27 13.56 -4.33
O1 GOL F . -29.19 14.79 -5.03
C2 GOL F . -30.72 13.08 -4.34
O2 GOL F . -31.00 11.93 -5.10
C3 GOL F . -31.48 13.01 -3.04
O3 GOL F . -32.66 12.30 -3.35
ZN ZN G . 31.49 -28.81 11.36
C1 GOL H . 9.96 2.11 6.52
O1 GOL H . 11.28 2.36 6.97
C2 GOL H . 9.67 0.62 6.75
O2 GOL H . 8.39 0.29 6.28
C3 GOL H . 9.75 0.26 8.24
O3 GOL H . 9.46 1.38 9.03
C1 GOL I . 13.09 7.40 9.92
O1 GOL I . 12.13 6.79 9.05
C2 GOL I . 12.46 7.71 11.27
O2 GOL I . 12.79 6.68 12.20
C3 GOL I . 13.02 9.05 11.75
O3 GOL I . 11.96 9.89 12.16
#